data_7A9G
#
_entry.id   7A9G
#
_cell.length_a   62.865
_cell.length_b   126.170
_cell.length_c   79.031
_cell.angle_alpha   90.000
_cell.angle_beta   106.285
_cell.angle_gamma   90.000
#
_symmetry.space_group_name_H-M   'P 1 21 1'
#
loop_
_entity.id
_entity.type
_entity.pdbx_description
1 polymer '1-deoxy-D-xylulose-5-phosphate synthase,1-deoxy-D-xylulose-5-phosphate synthase'
2 non-polymer '2-ACETYL-THIAMINE DIPHOSPHATE'
3 non-polymer 'MAGNESIUM ION'
4 non-polymer DI(HYDROXYETHYL)ETHER
5 non-polymer 'TRIETHYLENE GLYCOL'
6 non-polymer 'TETRAETHYLENE GLYCOL'
7 non-polymer GLYCEROL
8 non-polymer 'PHOSPHATE ION'
9 water water
#
_entity_poly.entity_id   1
_entity_poly.type   'polypeptide(L)'
_entity_poly.pdbx_seq_one_letter_code
;MKHHHHHHPMSDYDIPTTENLYFQGAMGMLQQIRGPADLQHLSQAQLRELAAEIREFLIHKVAATGGHLGPNLGVVELTL
ALHRVFDSPHDPIIFDTGHQAYVHKMLTGRSQDFATLRKKGGLSGYPSRAESEHDWVESSHASAALSYADGLAKAFELTG
HRNRHVVAVVGDGALTGGMCWEALNNIAASRRPVIIVVNDNGRSYAPTIGGVADHLATLRLQPAYEQALETGRDLVRAVP
LVGGLWFRFLHSVKAGGGGGGGPQLLFTDLGLKYVGPVDGHDERAVEVALRSARRFGAPVIVHVVTRKGMGYPPAEADQA
EQMHSTVPIDPATGQATKVAGPGWTATFSDALIGYAQKRRDIVAITAAMPGPTGLTAFGQRFPDRLFDVGIAEQHAMTSA
AGLAMGGLHPVVAIYSTFLNRAFDQIMMDVALHKLPVTMVLDRAGITGSDGASHNGMWDLSMLGIVPGIRVAAPRDATRL
REELGEALDVDDGPTALRFPKGDVGEDISALERRGGVDVLAAPADGLNHDVLLVAIGAFAPMALAVAKRLHNQGIGVTVI
DPRWVLPVSDGVRELAVQHKLLVTLEDNGVNGGAGSAVSAALRRAEIDVPCRDVGLPQEFYEHASRSEVLADLGLTDQDV
ARRITGWVAALGTGVCASDAIPEHLD
;
_entity_poly.pdbx_strand_id   AAA,BBB
#
# COMPACT_ATOMS: atom_id res chain seq x y z
N MET A 27 -29.33 -3.75 36.66
CA MET A 27 -28.23 -4.47 35.91
C MET A 27 -27.31 -5.21 36.90
N GLY A 28 -27.96 -5.92 37.82
CA GLY A 28 -27.35 -6.76 38.87
C GLY A 28 -26.38 -7.75 38.29
N MET A 29 -26.72 -8.41 37.18
CA MET A 29 -25.87 -9.46 36.57
C MET A 29 -24.58 -8.81 36.04
N LEU A 30 -24.69 -7.77 35.21
CA LEU A 30 -23.53 -7.13 34.54
C LEU A 30 -22.54 -6.57 35.57
N GLN A 31 -23.01 -5.90 36.61
CA GLN A 31 -22.10 -5.27 37.62
C GLN A 31 -21.32 -6.33 38.41
N GLN A 32 -21.65 -7.61 38.31
CA GLN A 32 -20.92 -8.69 39.00
C GLN A 32 -19.84 -9.32 38.12
N ILE A 33 -19.74 -8.92 36.84
CA ILE A 33 -18.77 -9.59 35.92
C ILE A 33 -17.44 -8.85 36.03
N ARG A 34 -16.44 -9.52 36.61
CA ARG A 34 -15.08 -8.97 36.80
C ARG A 34 -14.23 -9.28 35.58
N GLY A 35 -14.50 -10.43 34.96
CA GLY A 35 -13.77 -10.91 33.79
C GLY A 35 -14.42 -12.16 33.25
N PRO A 36 -13.84 -12.76 32.19
CA PRO A 36 -14.47 -13.88 31.50
C PRO A 36 -14.94 -15.05 32.36
N ALA A 37 -14.15 -15.47 33.35
CA ALA A 37 -14.44 -16.69 34.16
C ALA A 37 -15.71 -16.47 34.99
N ASP A 38 -16.15 -15.24 35.20
CA ASP A 38 -17.42 -14.98 35.94
C ASP A 38 -18.62 -15.46 35.11
N LEU A 39 -18.46 -15.75 33.80
CA LEU A 39 -19.54 -16.35 32.97
C LEU A 39 -19.61 -17.86 33.19
N GLN A 40 -18.55 -18.45 33.74
CA GLN A 40 -18.25 -19.89 33.59
C GLN A 40 -19.30 -20.75 34.31
N HIS A 41 -19.93 -20.26 35.36
CA HIS A 41 -20.91 -21.06 36.15
C HIS A 41 -22.33 -20.48 36.01
N LEU A 42 -22.55 -19.53 35.10
CA LEU A 42 -23.91 -18.97 34.85
C LEU A 42 -24.77 -20.00 34.14
N SER A 43 -26.03 -20.06 34.51
CA SER A 43 -27.08 -20.81 33.77
C SER A 43 -27.41 -20.06 32.48
N GLN A 44 -28.03 -20.74 31.54
CA GLN A 44 -28.49 -20.10 30.29
C GLN A 44 -29.45 -18.93 30.61
N ALA A 45 -30.28 -19.06 31.65
CA ALA A 45 -31.21 -17.99 32.10
C ALA A 45 -30.41 -16.76 32.54
N GLN A 46 -29.35 -16.96 33.32
CA GLN A 46 -28.47 -15.85 33.77
C GLN A 46 -27.78 -15.23 32.54
N LEU A 47 -27.38 -16.04 31.55
CA LEU A 47 -26.65 -15.53 30.37
C LEU A 47 -27.61 -14.70 29.54
N ARG A 48 -28.86 -15.15 29.44
CA ARG A 48 -29.91 -14.44 28.68
C ARG A 48 -30.20 -13.09 29.38
N GLU A 49 -30.30 -13.09 30.71
CA GLU A 49 -30.48 -11.84 31.50
C GLU A 49 -29.28 -10.92 31.28
N LEU A 50 -28.06 -11.45 31.31
CA LEU A 50 -26.81 -10.68 31.11
C LEU A 50 -26.81 -10.04 29.73
N ALA A 51 -27.21 -10.79 28.69
CA ALA A 51 -27.21 -10.30 27.29
C ALA A 51 -28.19 -9.14 27.18
N ALA A 52 -29.34 -9.21 27.86
CA ALA A 52 -30.35 -8.13 27.83
C ALA A 52 -29.78 -6.90 28.53
N GLU A 53 -29.08 -7.09 29.67
CA GLU A 53 -28.43 -5.98 30.41
C GLU A 53 -27.34 -5.34 29.55
N ILE A 54 -26.58 -6.17 28.81
CA ILE A 54 -25.52 -5.66 27.90
C ILE A 54 -26.17 -4.79 26.83
N ARG A 55 -27.28 -5.23 26.23
CA ARG A 55 -27.95 -4.47 25.15
C ARG A 55 -28.43 -3.11 25.69
N GLU A 56 -29.06 -3.11 26.86
CA GLU A 56 -29.59 -1.86 27.46
C GLU A 56 -28.43 -0.88 27.72
N PHE A 57 -27.38 -1.38 28.35
CA PHE A 57 -26.09 -0.67 28.60
C PHE A 57 -25.57 -0.05 27.28
N LEU A 58 -25.39 -0.87 26.22
CA LEU A 58 -24.83 -0.38 24.94
C LEU A 58 -25.72 0.74 24.39
N ILE A 59 -27.04 0.53 24.35
CA ILE A 59 -27.99 1.51 23.76
C ILE A 59 -27.80 2.86 24.44
N HIS A 60 -27.81 2.89 25.77
CA HIS A 60 -27.76 4.14 26.57
C HIS A 60 -26.34 4.73 26.54
N LYS A 61 -25.29 3.93 26.72
CA LYS A 61 -23.90 4.46 26.74
C LYS A 61 -23.52 4.96 25.34
N VAL A 62 -23.76 4.19 24.29
CA VAL A 62 -23.23 4.54 22.94
C VAL A 62 -24.05 5.70 22.34
N ALA A 63 -25.34 5.84 22.68
CA ALA A 63 -26.16 7.03 22.29
C ALA A 63 -25.58 8.30 22.92
N ALA A 64 -25.11 8.24 24.16
CA ALA A 64 -24.48 9.39 24.85
C ALA A 64 -23.11 9.75 24.23
N THR A 65 -22.24 8.78 23.87
CA THR A 65 -20.85 9.09 23.44
C THR A 65 -20.71 9.09 21.92
N GLY A 66 -21.64 8.45 21.21
CA GLY A 66 -21.44 7.98 19.83
C GLY A 66 -20.53 6.75 19.79
N GLY A 67 -20.49 6.08 18.63
CA GLY A 67 -19.69 4.87 18.39
C GLY A 67 -20.52 3.82 17.68
N HIS A 68 -20.01 2.59 17.63
CA HIS A 68 -20.53 1.52 16.74
C HIS A 68 -21.59 0.66 17.44
N LEU A 69 -22.78 1.21 17.66
CA LEU A 69 -23.88 0.55 18.41
C LEU A 69 -24.31 -0.70 17.65
N GLY A 70 -24.67 -0.57 16.38
CA GLY A 70 -25.25 -1.69 15.60
C GLY A 70 -24.36 -2.93 15.60
N PRO A 71 -23.08 -2.78 15.18
CA PRO A 71 -22.17 -3.92 15.12
C PRO A 71 -21.95 -4.60 16.49
N ASN A 72 -22.05 -3.84 17.58
CA ASN A 72 -21.86 -4.39 18.95
C ASN A 72 -23.12 -5.14 19.38
N LEU A 73 -24.30 -4.57 19.13
CA LEU A 73 -25.56 -5.27 19.43
C LEU A 73 -25.58 -6.63 18.74
N GLY A 74 -24.98 -6.71 17.55
CA GLY A 74 -25.01 -7.94 16.75
C GLY A 74 -24.08 -9.02 17.31
N VAL A 75 -23.16 -8.67 18.22
CA VAL A 75 -22.16 -9.63 18.74
C VAL A 75 -22.30 -9.88 20.25
N VAL A 76 -23.45 -9.56 20.85
CA VAL A 76 -23.61 -9.83 22.30
C VAL A 76 -23.49 -11.34 22.58
N GLU A 77 -24.30 -12.19 21.94
CA GLU A 77 -24.27 -13.67 22.22
C GLU A 77 -22.95 -14.26 21.72
N LEU A 78 -22.45 -13.80 20.58
CA LEU A 78 -21.16 -14.29 20.00
C LEU A 78 -20.04 -14.05 21.01
N THR A 79 -19.97 -12.86 21.58
CA THR A 79 -18.87 -12.47 22.51
C THR A 79 -19.01 -13.23 23.84
N LEU A 80 -20.23 -13.38 24.35
CA LEU A 80 -20.49 -14.22 25.55
C LEU A 80 -19.97 -15.62 25.26
N ALA A 81 -20.29 -16.19 24.09
CA ALA A 81 -19.90 -17.57 23.73
C ALA A 81 -18.37 -17.67 23.62
N LEU A 82 -17.70 -16.71 23.01
CA LEU A 82 -16.22 -16.73 22.88
C LEU A 82 -15.58 -16.83 24.28
N HIS A 83 -16.05 -16.04 25.24
CA HIS A 83 -15.48 -15.96 26.61
C HIS A 83 -16.00 -17.10 27.47
N ARG A 84 -16.99 -17.86 27.01
CA ARG A 84 -17.42 -19.11 27.69
C ARG A 84 -16.59 -20.29 27.20
N VAL A 85 -15.91 -20.19 26.06
CA VAL A 85 -15.19 -21.36 25.48
C VAL A 85 -13.68 -21.15 25.52
N PHE A 86 -13.20 -19.94 25.22
CA PHE A 86 -11.75 -19.68 25.04
C PHE A 86 -11.24 -19.06 26.32
N ASP A 87 -9.97 -19.28 26.61
CA ASP A 87 -9.30 -18.79 27.83
C ASP A 87 -8.42 -17.62 27.45
N SER A 88 -9.00 -16.43 27.24
CA SER A 88 -8.23 -15.22 26.88
C SER A 88 -7.36 -14.85 28.07
N PRO A 89 -6.09 -14.39 27.89
CA PRO A 89 -5.44 -14.25 26.58
C PRO A 89 -4.55 -15.44 26.13
N HIS A 90 -4.57 -16.53 26.89
CA HIS A 90 -3.89 -17.80 26.50
C HIS A 90 -4.38 -18.21 25.11
N ASP A 91 -5.69 -18.10 24.88
CA ASP A 91 -6.33 -18.15 23.54
C ASP A 91 -6.55 -16.70 23.12
N PRO A 92 -5.68 -16.13 22.25
CA PRO A 92 -5.89 -14.77 21.78
C PRO A 92 -7.22 -14.68 21.03
N ILE A 93 -8.03 -13.69 21.38
CA ILE A 93 -9.26 -13.35 20.63
C ILE A 93 -8.97 -12.07 19.85
N ILE A 94 -8.85 -12.21 18.54
CA ILE A 94 -8.43 -11.08 17.64
C ILE A 94 -9.66 -10.65 16.84
N PHE A 95 -10.17 -9.45 17.12
CA PHE A 95 -11.28 -8.83 16.39
C PHE A 95 -10.72 -8.17 15.13
N ASP A 96 -11.21 -8.61 13.97
CA ASP A 96 -10.98 -7.92 12.70
C ASP A 96 -11.67 -6.55 12.76
N THR A 97 -10.96 -5.50 12.37
CA THR A 97 -11.48 -4.11 12.41
C THR A 97 -11.52 -3.61 13.86
N GLY A 98 -12.22 -4.30 14.79
CA GLY A 98 -12.11 -3.99 16.22
C GLY A 98 -13.14 -2.99 16.70
N HIS A 99 -14.04 -2.55 15.83
CA HIS A 99 -15.13 -1.61 16.19
C HIS A 99 -16.21 -2.35 16.98
N GLN A 100 -16.17 -3.70 16.93
CA GLN A 100 -17.24 -4.57 17.47
C GLN A 100 -16.74 -5.28 18.73
N ALA A 101 -15.77 -4.67 19.43
CA ALA A 101 -15.15 -5.23 20.64
C ALA A 101 -15.73 -4.61 21.91
N TYR A 102 -16.85 -3.88 21.89
CA TYR A 102 -17.36 -3.23 23.12
C TYR A 102 -17.78 -4.29 24.13
N VAL A 103 -18.49 -5.33 23.67
CA VAL A 103 -18.94 -6.40 24.60
C VAL A 103 -17.71 -7.08 25.19
N HIS A 104 -16.72 -7.39 24.35
CA HIS A 104 -15.41 -7.90 24.83
C HIS A 104 -14.87 -7.01 25.97
N LYS A 105 -14.87 -5.69 25.77
CA LYS A 105 -14.35 -4.76 26.82
C LYS A 105 -15.25 -4.86 28.06
N MET A 106 -16.56 -4.97 27.89
CA MET A 106 -17.47 -5.04 29.04
C MET A 106 -17.23 -6.32 29.84
N LEU A 107 -16.80 -7.39 29.18
CA LEU A 107 -16.57 -8.71 29.85
C LEU A 107 -15.11 -8.84 30.31
N THR A 108 -14.27 -7.83 30.12
CA THR A 108 -12.85 -7.85 30.53
C THR A 108 -12.58 -6.63 31.41
N GLY A 109 -13.53 -6.29 32.27
CA GLY A 109 -13.29 -5.37 33.40
C GLY A 109 -13.42 -3.91 33.04
N ARG A 110 -14.00 -3.55 31.89
CA ARG A 110 -14.03 -2.14 31.43
C ARG A 110 -15.47 -1.65 31.29
N SER A 111 -16.45 -2.36 31.87
CA SER A 111 -17.87 -1.94 31.78
C SER A 111 -18.04 -0.56 32.44
N GLN A 112 -17.30 -0.25 33.50
CA GLN A 112 -17.42 1.04 34.22
C GLN A 112 -16.75 2.19 33.43
N ASP A 113 -16.03 1.93 32.32
CA ASP A 113 -15.26 2.97 31.57
C ASP A 113 -16.06 3.54 30.40
N PHE A 114 -17.30 3.10 30.15
CA PHE A 114 -18.04 3.47 28.91
C PHE A 114 -18.51 4.92 28.95
N ALA A 115 -18.51 5.57 30.12
CA ALA A 115 -18.86 7.01 30.21
C ALA A 115 -17.84 7.85 29.43
N THR A 116 -16.63 7.33 29.23
CA THR A 116 -15.51 8.03 28.53
C THR A 116 -15.23 7.43 27.14
N LEU A 117 -16.14 6.64 26.59
CA LEU A 117 -15.92 5.97 25.29
C LEU A 117 -15.64 7.02 24.21
N ARG A 118 -14.50 6.87 23.53
CA ARG A 118 -14.07 7.63 22.35
C ARG A 118 -13.78 9.07 22.75
N LYS A 119 -13.49 9.34 24.03
CA LYS A 119 -13.12 10.68 24.55
C LYS A 119 -11.64 10.70 24.90
N LYS A 120 -11.03 11.86 24.79
CA LYS A 120 -9.60 12.06 25.11
C LYS A 120 -9.32 11.52 26.51
N GLY A 121 -8.31 10.66 26.66
CA GLY A 121 -7.94 10.03 27.93
C GLY A 121 -8.92 8.96 28.39
N GLY A 122 -9.92 8.64 27.58
CA GLY A 122 -10.98 7.67 27.91
C GLY A 122 -10.81 6.35 27.18
N LEU A 123 -11.84 5.52 27.26
CA LEU A 123 -11.87 4.19 26.60
C LEU A 123 -11.74 4.37 25.08
N SER A 124 -10.80 3.65 24.44
CA SER A 124 -10.66 3.60 22.96
C SER A 124 -11.90 2.96 22.33
N GLY A 125 -12.25 3.41 21.12
CA GLY A 125 -13.30 2.79 20.29
C GLY A 125 -12.84 1.43 19.73
N TYR A 126 -11.58 1.09 19.91
CA TYR A 126 -10.95 -0.15 19.39
C TYR A 126 -10.18 -0.83 20.51
N PRO A 127 -9.82 -2.13 20.37
CA PRO A 127 -8.95 -2.82 21.33
C PRO A 127 -7.66 -2.03 21.50
N SER A 128 -7.12 -2.08 22.71
CA SER A 128 -5.93 -1.31 23.14
C SER A 128 -5.10 -2.17 24.10
N ARG A 129 -3.86 -2.42 23.69
CA ARG A 129 -2.88 -3.24 24.43
C ARG A 129 -2.60 -2.55 25.78
N ALA A 130 -2.65 -1.21 25.80
CA ALA A 130 -2.46 -0.38 27.01
C ALA A 130 -3.62 -0.58 27.99
N GLU A 131 -4.81 -0.94 27.51
CA GLU A 131 -6.00 -1.03 28.39
C GLU A 131 -6.09 -2.42 29.02
N SER A 132 -5.71 -3.48 28.30
CA SER A 132 -6.03 -4.86 28.70
C SER A 132 -5.05 -5.85 28.08
N GLU A 133 -4.68 -6.88 28.85
CA GLU A 133 -3.96 -8.10 28.39
C GLU A 133 -4.84 -8.88 27.40
N HIS A 134 -6.15 -8.64 27.35
CA HIS A 134 -7.11 -9.35 26.47
C HIS A 134 -7.14 -8.71 25.07
N ASP A 135 -6.45 -7.58 24.86
CA ASP A 135 -6.50 -6.81 23.58
C ASP A 135 -5.16 -6.95 22.87
N TRP A 136 -5.18 -7.29 21.59
CA TRP A 136 -3.97 -7.65 20.79
C TRP A 136 -3.74 -6.60 19.72
N VAL A 137 -4.77 -6.30 18.96
CA VAL A 137 -4.62 -5.51 17.71
C VAL A 137 -5.44 -4.22 17.84
N GLU A 138 -4.78 -3.07 17.66
CA GLU A 138 -5.37 -1.71 17.78
C GLU A 138 -5.71 -1.12 16.41
N SER A 139 -5.26 -1.73 15.32
CA SER A 139 -5.54 -1.25 13.96
C SER A 139 -7.01 -1.48 13.62
N SER A 140 -7.69 -0.42 13.19
CA SER A 140 -9.07 -0.46 12.65
C SER A 140 -9.08 -0.90 11.16
N HIS A 141 -7.93 -1.04 10.50
CA HIS A 141 -7.92 -1.39 9.06
C HIS A 141 -8.34 -2.87 8.95
N ALA A 142 -9.43 -3.12 8.23
CA ALA A 142 -10.14 -4.40 8.15
C ALA A 142 -9.31 -5.47 7.43
N SER A 143 -9.67 -6.73 7.68
CA SER A 143 -9.22 -7.94 6.94
C SER A 143 -7.84 -8.41 7.41
N ALA A 144 -7.27 -7.84 8.46
CA ALA A 144 -5.91 -8.16 8.94
C ALA A 144 -5.91 -9.24 10.03
N ALA A 145 -7.03 -9.53 10.68
CA ALA A 145 -7.05 -10.40 11.89
C ALA A 145 -6.44 -11.77 11.56
N LEU A 146 -6.82 -12.37 10.43
CA LEU A 146 -6.39 -13.75 10.10
C LEU A 146 -4.87 -13.74 9.87
N SER A 147 -4.33 -12.64 9.32
CA SER A 147 -2.87 -12.56 9.09
C SER A 147 -2.11 -12.46 10.43
N TYR A 148 -2.63 -11.69 11.38
CA TYR A 148 -2.07 -11.65 12.77
C TYR A 148 -2.15 -13.04 13.38
N ALA A 149 -3.27 -13.73 13.19
CA ALA A 149 -3.56 -15.06 13.77
C ALA A 149 -2.52 -16.08 13.28
N ASP A 150 -2.25 -16.09 11.97
CA ASP A 150 -1.25 -17.01 11.37
C ASP A 150 0.11 -16.75 12.03
N GLY A 151 0.51 -15.48 12.14
CA GLY A 151 1.76 -15.06 12.80
C GLY A 151 1.85 -15.54 14.24
N LEU A 152 0.82 -15.26 15.03
CA LEU A 152 0.75 -15.62 16.47
C LEU A 152 0.80 -17.14 16.62
N ALA A 153 0.03 -17.88 15.82
CA ALA A 153 0.03 -19.35 15.89
C ALA A 153 1.46 -19.86 15.57
N LYS A 154 2.12 -19.28 14.58
CA LYS A 154 3.53 -19.65 14.25
C LYS A 154 4.43 -19.32 15.44
N ALA A 155 4.24 -18.16 16.07
CA ALA A 155 5.04 -17.75 17.24
C ALA A 155 4.88 -18.80 18.36
N PHE A 156 3.65 -19.22 18.65
CA PHE A 156 3.38 -20.17 19.76
C PHE A 156 4.10 -21.50 19.50
N GLU A 157 4.09 -21.99 18.27
CA GLU A 157 4.87 -23.17 17.84
C GLU A 157 6.36 -22.91 18.08
N LEU A 158 6.88 -21.76 17.66
CA LEU A 158 8.34 -21.47 17.69
C LEU A 158 8.82 -21.24 19.12
N THR A 159 7.93 -20.86 20.04
CA THR A 159 8.28 -20.64 21.47
C THR A 159 7.83 -21.84 22.31
N GLY A 160 7.22 -22.84 21.71
CA GLY A 160 6.76 -24.05 22.41
C GLY A 160 5.71 -23.78 23.47
N HIS A 161 4.86 -22.76 23.29
CA HIS A 161 3.66 -22.52 24.12
C HIS A 161 2.63 -23.61 23.82
N ARG A 162 2.22 -24.40 24.81
CA ARG A 162 1.20 -25.46 24.61
C ARG A 162 -0.23 -24.90 24.53
N ASN A 163 -1.01 -25.37 23.54
CA ASN A 163 -2.50 -25.38 23.57
C ASN A 163 -3.03 -23.95 23.57
N ARG A 164 -2.37 -23.04 22.85
CA ARG A 164 -2.89 -21.68 22.61
C ARG A 164 -3.69 -21.72 21.29
N HIS A 165 -4.98 -21.45 21.37
CA HIS A 165 -5.89 -21.43 20.20
C HIS A 165 -6.11 -19.99 19.80
N VAL A 166 -5.68 -19.59 18.62
CA VAL A 166 -5.88 -18.18 18.18
C VAL A 166 -7.25 -18.11 17.52
N VAL A 167 -8.07 -17.18 17.95
CA VAL A 167 -9.47 -17.01 17.46
C VAL A 167 -9.49 -15.67 16.73
N ALA A 168 -9.84 -15.69 15.44
CA ALA A 168 -10.02 -14.47 14.63
C ALA A 168 -11.49 -14.29 14.37
N VAL A 169 -12.02 -13.17 14.81
CA VAL A 169 -13.44 -12.80 14.61
C VAL A 169 -13.50 -11.85 13.40
N VAL A 170 -13.99 -12.33 12.27
CA VAL A 170 -13.94 -11.66 10.96
C VAL A 170 -15.37 -11.42 10.45
N GLY A 171 -15.76 -10.16 10.27
CA GLY A 171 -17.05 -9.82 9.69
C GLY A 171 -17.14 -10.26 8.22
N ASP A 172 -18.35 -10.46 7.72
CA ASP A 172 -18.56 -10.81 6.29
C ASP A 172 -17.94 -9.72 5.40
N GLY A 173 -18.06 -8.44 5.77
CA GLY A 173 -17.42 -7.33 5.04
C GLY A 173 -15.90 -7.53 5.00
N ALA A 174 -15.26 -7.70 6.17
CA ALA A 174 -13.80 -7.89 6.28
C ALA A 174 -13.38 -9.08 5.43
N LEU A 175 -14.23 -10.12 5.35
CA LEU A 175 -13.91 -11.37 4.63
C LEU A 175 -13.82 -11.13 3.11
N THR A 176 -14.34 -10.00 2.60
CA THR A 176 -14.21 -9.66 1.15
C THR A 176 -12.84 -9.05 0.85
N GLY A 177 -12.00 -8.81 1.85
CA GLY A 177 -10.66 -8.23 1.63
C GLY A 177 -9.65 -9.29 1.27
N GLY A 178 -8.72 -8.97 0.39
CA GLY A 178 -7.71 -9.92 -0.13
C GLY A 178 -6.83 -10.49 0.96
N MET A 179 -6.52 -9.74 2.02
CA MET A 179 -5.60 -10.25 3.08
C MET A 179 -6.19 -11.56 3.65
N CYS A 180 -7.51 -11.69 3.74
CA CYS A 180 -8.18 -12.90 4.28
C CYS A 180 -7.83 -14.13 3.42
N TRP A 181 -7.82 -13.96 2.12
CA TRP A 181 -7.47 -15.07 1.19
C TRP A 181 -6.00 -15.45 1.37
N GLU A 182 -5.10 -14.46 1.41
CA GLU A 182 -3.67 -14.74 1.68
C GLU A 182 -3.52 -15.51 3.01
N ALA A 183 -4.19 -15.07 4.07
CA ALA A 183 -4.08 -15.71 5.41
C ALA A 183 -4.66 -17.13 5.40
N LEU A 184 -5.85 -17.29 4.81
CA LEU A 184 -6.52 -18.62 4.82
C LEU A 184 -5.67 -19.64 4.05
N ASN A 185 -5.03 -19.22 2.96
CA ASN A 185 -4.10 -20.10 2.19
C ASN A 185 -2.94 -20.59 3.08
N ASN A 186 -2.40 -19.67 3.87
CA ASN A 186 -1.27 -19.93 4.80
C ASN A 186 -1.75 -20.83 5.96
N ILE A 187 -2.88 -20.51 6.55
CA ILE A 187 -3.45 -21.22 7.73
C ILE A 187 -3.78 -22.66 7.33
N ALA A 188 -4.36 -22.84 6.13
CA ALA A 188 -4.79 -24.15 5.58
C ALA A 188 -3.58 -25.05 5.36
N ALA A 189 -2.39 -24.52 5.21
CA ALA A 189 -1.17 -25.32 4.97
C ALA A 189 -0.68 -25.96 6.28
N SER A 190 -1.29 -25.67 7.42
CA SER A 190 -0.73 -26.10 8.73
C SER A 190 -1.85 -26.60 9.63
N ARG A 191 -1.50 -27.45 10.60
CA ARG A 191 -2.41 -27.96 11.65
C ARG A 191 -2.43 -26.99 12.83
N ARG A 192 -1.58 -25.95 12.83
CA ARG A 192 -1.60 -24.94 13.93
C ARG A 192 -3.05 -24.49 14.11
N PRO A 193 -3.59 -24.53 15.34
CA PRO A 193 -5.01 -24.22 15.55
C PRO A 193 -5.30 -22.72 15.44
N VAL A 194 -6.00 -22.38 14.35
CA VAL A 194 -6.64 -21.06 14.17
C VAL A 194 -8.13 -21.29 13.96
N ILE A 195 -8.94 -20.67 14.79
CA ILE A 195 -10.41 -20.75 14.66
C ILE A 195 -10.85 -19.46 13.99
N ILE A 196 -11.38 -19.61 12.80
CA ILE A 196 -11.86 -18.51 11.93
C ILE A 196 -13.35 -18.37 12.19
N VAL A 197 -13.70 -17.42 13.03
CA VAL A 197 -15.13 -17.16 13.37
C VAL A 197 -15.62 -16.08 12.40
N VAL A 198 -16.42 -16.46 11.41
CA VAL A 198 -17.05 -15.49 10.46
C VAL A 198 -18.32 -14.94 11.11
N ASN A 199 -18.31 -13.66 11.42
CA ASN A 199 -19.46 -12.92 11.99
C ASN A 199 -20.25 -12.35 10.81
N ASP A 200 -21.22 -13.11 10.28
CA ASP A 200 -21.94 -12.79 9.01
C ASP A 200 -23.28 -12.13 9.31
N ASN A 201 -23.39 -10.83 9.10
CA ASN A 201 -24.67 -10.11 9.26
C ASN A 201 -25.16 -9.63 7.88
N GLY A 202 -24.65 -10.18 6.78
CA GLY A 202 -24.98 -9.71 5.41
C GLY A 202 -26.19 -10.41 4.80
N GLY A 261 -23.51 -7.43 1.97
CA GLY A 261 -22.19 -6.79 1.79
C GLY A 261 -21.04 -7.77 1.99
N GLY A 262 -21.33 -9.08 2.04
CA GLY A 262 -20.34 -10.16 2.28
C GLY A 262 -19.87 -10.81 0.98
N PRO A 263 -19.12 -11.93 1.09
CA PRO A 263 -18.60 -12.63 -0.09
C PRO A 263 -19.70 -13.18 -1.02
N GLN A 264 -19.55 -12.94 -2.32
CA GLN A 264 -20.33 -13.60 -3.39
C GLN A 264 -19.83 -15.04 -3.63
N LEU A 265 -18.63 -15.36 -3.17
CA LEU A 265 -18.04 -16.72 -3.31
C LEU A 265 -18.39 -17.55 -2.07
N LEU A 266 -18.50 -18.86 -2.27
CA LEU A 266 -18.67 -19.87 -1.19
C LEU A 266 -17.35 -20.02 -0.43
N PHE A 267 -17.40 -20.05 0.91
CA PHE A 267 -16.25 -20.45 1.78
C PHE A 267 -16.62 -21.72 2.58
N THR A 268 -17.53 -22.54 2.03
CA THR A 268 -17.97 -23.83 2.62
C THR A 268 -17.05 -24.97 2.16
N ASP A 269 -16.29 -24.79 1.07
CA ASP A 269 -15.58 -25.91 0.38
C ASP A 269 -14.19 -25.47 -0.14
N LEU A 270 -13.38 -24.85 0.73
CA LEU A 270 -12.03 -24.32 0.39
C LEU A 270 -10.93 -25.31 0.80
N GLY A 271 -11.26 -26.44 1.40
CA GLY A 271 -10.28 -27.37 2.02
C GLY A 271 -10.14 -27.19 3.53
N LEU A 272 -10.79 -26.19 4.12
CA LEU A 272 -10.83 -25.99 5.60
C LEU A 272 -12.15 -26.57 6.13
N LYS A 273 -12.10 -27.25 7.27
CA LYS A 273 -13.29 -27.69 8.02
C LYS A 273 -14.23 -26.48 8.18
N TYR A 274 -15.52 -26.69 7.93
CA TYR A 274 -16.59 -25.66 7.99
C TYR A 274 -17.68 -26.11 8.96
N VAL A 275 -17.99 -25.28 9.95
CA VAL A 275 -19.07 -25.52 10.95
C VAL A 275 -20.09 -24.39 10.81
N GLY A 276 -21.35 -24.72 10.56
CA GLY A 276 -22.45 -23.74 10.46
C GLY A 276 -23.32 -23.97 9.23
N PRO A 277 -24.16 -23.00 8.83
CA PRO A 277 -24.28 -21.71 9.52
C PRO A 277 -24.88 -21.89 10.91
N VAL A 278 -24.40 -21.12 11.87
CA VAL A 278 -24.87 -21.12 13.28
C VAL A 278 -25.69 -19.84 13.50
N ASP A 279 -26.80 -19.93 14.20
CA ASP A 279 -27.56 -18.74 14.64
C ASP A 279 -26.74 -18.02 15.71
N GLY A 280 -26.19 -16.84 15.36
CA GLY A 280 -25.29 -16.09 16.25
C GLY A 280 -26.01 -15.42 17.41
N HIS A 281 -27.34 -15.48 17.47
CA HIS A 281 -28.11 -14.96 18.62
C HIS A 281 -28.60 -16.11 19.49
N ASP A 282 -28.18 -17.33 19.18
CA ASP A 282 -28.39 -18.52 20.04
C ASP A 282 -27.06 -18.80 20.72
N GLU A 283 -26.86 -18.24 21.91
CA GLU A 283 -25.56 -18.28 22.62
C GLU A 283 -25.10 -19.73 22.79
N ARG A 284 -26.01 -20.62 23.18
CA ARG A 284 -25.70 -22.05 23.38
C ARG A 284 -25.22 -22.67 22.07
N ALA A 285 -25.87 -22.42 20.92
CA ALA A 285 -25.45 -22.96 19.61
C ALA A 285 -24.04 -22.44 19.28
N VAL A 286 -23.79 -21.16 19.52
CA VAL A 286 -22.44 -20.62 19.22
C VAL A 286 -21.41 -21.34 20.09
N GLU A 287 -21.69 -21.52 21.39
CA GLU A 287 -20.74 -22.22 22.31
C GLU A 287 -20.46 -23.64 21.80
N VAL A 288 -21.49 -24.39 21.42
CA VAL A 288 -21.33 -25.78 20.92
C VAL A 288 -20.45 -25.75 19.67
N ALA A 289 -20.72 -24.85 18.73
CA ALA A 289 -19.91 -24.73 17.50
C ALA A 289 -18.47 -24.41 17.87
N LEU A 290 -18.25 -23.44 18.75
CA LEU A 290 -16.87 -23.02 19.10
C LEU A 290 -16.13 -24.14 19.83
N ARG A 291 -16.82 -24.84 20.73
CA ARG A 291 -16.23 -25.89 21.56
C ARG A 291 -15.79 -27.03 20.62
N SER A 292 -16.65 -27.36 19.66
CA SER A 292 -16.40 -28.35 18.59
C SER A 292 -15.14 -27.94 17.78
N ALA A 293 -15.06 -26.67 17.36
CA ALA A 293 -13.88 -26.13 16.64
C ALA A 293 -12.61 -26.23 17.50
N ARG A 294 -12.69 -25.82 18.78
CA ARG A 294 -11.56 -25.75 19.75
C ARG A 294 -10.96 -27.15 19.89
N ARG A 295 -11.81 -28.18 19.87
CA ARG A 295 -11.42 -29.60 20.07
C ARG A 295 -10.88 -30.15 18.75
N PHE A 296 -11.20 -29.56 17.60
CA PHE A 296 -10.77 -30.08 16.28
C PHE A 296 -9.23 -30.12 16.20
N GLY A 297 -8.53 -29.25 16.93
CA GLY A 297 -7.05 -29.18 16.96
C GLY A 297 -6.44 -28.96 15.58
N ALA A 298 -7.11 -28.19 14.74
CA ALA A 298 -6.61 -27.78 13.41
C ALA A 298 -7.46 -26.61 12.94
N PRO A 299 -7.04 -25.87 11.89
CA PRO A 299 -7.86 -24.75 11.39
C PRO A 299 -9.31 -25.14 11.09
N VAL A 300 -10.24 -24.27 11.45
CA VAL A 300 -11.69 -24.53 11.24
C VAL A 300 -12.41 -23.19 11.12
N ILE A 301 -13.37 -23.14 10.22
CA ILE A 301 -14.26 -21.97 10.02
C ILE A 301 -15.54 -22.27 10.80
N VAL A 302 -15.92 -21.33 11.65
CA VAL A 302 -17.23 -21.31 12.34
C VAL A 302 -18.02 -20.12 11.80
N HIS A 303 -19.02 -20.42 11.00
CA HIS A 303 -19.86 -19.44 10.29
C HIS A 303 -21.05 -19.12 11.17
N VAL A 304 -21.07 -17.90 11.70
CA VAL A 304 -22.13 -17.41 12.63
C VAL A 304 -22.91 -16.33 11.89
N VAL A 305 -24.23 -16.38 12.01
CA VAL A 305 -25.13 -15.38 11.37
C VAL A 305 -25.70 -14.48 12.45
N THR A 306 -25.46 -13.18 12.36
CA THR A 306 -25.96 -12.19 13.34
C THR A 306 -26.78 -11.12 12.64
N ARG A 307 -27.47 -10.32 13.43
CA ARG A 307 -28.27 -9.19 12.92
C ARG A 307 -27.65 -7.90 13.46
N LYS A 308 -27.11 -7.06 12.59
CA LYS A 308 -26.64 -5.73 13.01
C LYS A 308 -27.79 -5.00 13.70
N GLY A 309 -27.52 -4.42 14.86
CA GLY A 309 -28.50 -3.68 15.67
C GLY A 309 -29.48 -4.57 16.40
N MET A 310 -29.23 -5.88 16.50
CA MET A 310 -30.16 -6.83 17.17
C MET A 310 -30.62 -6.28 18.53
N GLY A 311 -31.94 -6.18 18.72
CA GLY A 311 -32.52 -5.79 20.00
C GLY A 311 -32.84 -4.31 20.04
N TYR A 312 -32.39 -3.52 19.08
CA TYR A 312 -32.67 -2.05 19.04
C TYR A 312 -33.23 -1.67 17.67
N PRO A 313 -34.57 -1.60 17.52
CA PRO A 313 -35.21 -1.52 16.20
C PRO A 313 -34.69 -0.41 15.29
N PRO A 314 -34.36 0.81 15.79
CA PRO A 314 -33.78 1.85 14.94
C PRO A 314 -32.47 1.42 14.27
N ALA A 315 -31.56 0.78 15.04
CA ALA A 315 -30.28 0.25 14.54
C ALA A 315 -30.55 -0.93 13.59
N GLU A 316 -31.53 -1.78 13.89
CA GLU A 316 -31.95 -2.90 12.99
C GLU A 316 -32.43 -2.33 11.65
N ALA A 317 -33.28 -1.29 11.71
CA ALA A 317 -33.96 -0.68 10.54
C ALA A 317 -32.91 -0.06 9.61
N ASP A 318 -31.97 0.73 10.14
CA ASP A 318 -31.02 1.54 9.33
C ASP A 318 -29.76 0.73 8.96
N GLN A 319 -29.47 -0.38 9.65
CA GLN A 319 -28.23 -1.19 9.44
C GLN A 319 -26.99 -0.28 9.48
N ALA A 320 -27.02 0.80 10.26
CA ALA A 320 -25.95 1.81 10.36
C ALA A 320 -24.77 1.23 11.17
N GLU A 321 -23.56 1.55 10.72
CA GLU A 321 -22.30 1.09 11.34
C GLU A 321 -22.13 1.83 12.69
N GLN A 322 -22.54 3.10 12.77
CA GLN A 322 -22.32 3.96 13.97
C GLN A 322 -23.51 4.91 14.18
N MET A 323 -23.55 5.59 15.33
CA MET A 323 -24.45 6.75 15.60
C MET A 323 -23.67 7.83 16.36
N PRO A 342 -24.12 21.53 6.56
CA PRO A 342 -23.53 21.70 5.22
C PRO A 342 -22.15 21.03 5.15
N GLY A 343 -22.09 19.76 4.73
CA GLY A 343 -20.92 18.87 4.86
C GLY A 343 -20.02 18.90 3.64
N TRP A 344 -18.72 18.63 3.83
CA TRP A 344 -17.83 18.38 2.67
C TRP A 344 -18.39 17.24 1.82
N THR A 345 -18.79 16.14 2.45
CA THR A 345 -19.21 14.90 1.74
C THR A 345 -20.43 15.22 0.87
N ALA A 346 -21.41 15.95 1.42
CA ALA A 346 -22.65 16.36 0.72
C ALA A 346 -22.26 17.21 -0.50
N THR A 347 -21.30 18.13 -0.33
CA THR A 347 -20.84 19.02 -1.40
C THR A 347 -20.24 18.16 -2.52
N PHE A 348 -19.39 17.19 -2.17
CA PHE A 348 -18.81 16.26 -3.15
C PHE A 348 -19.91 15.53 -3.91
N SER A 349 -20.85 14.96 -3.15
CA SER A 349 -21.98 14.16 -3.67
C SER A 349 -22.74 14.98 -4.72
N ASP A 350 -23.16 16.18 -4.32
CA ASP A 350 -23.92 17.09 -5.20
C ASP A 350 -23.06 17.45 -6.44
N ALA A 351 -21.79 17.77 -6.27
CA ALA A 351 -20.89 18.17 -7.38
C ALA A 351 -20.78 16.99 -8.36
N LEU A 352 -20.56 15.79 -7.84
CA LEU A 352 -20.32 14.59 -8.69
C LEU A 352 -21.58 14.32 -9.52
N ILE A 353 -22.76 14.41 -8.90
CA ILE A 353 -24.06 14.24 -9.60
C ILE A 353 -24.17 15.31 -10.70
N GLY A 354 -23.84 16.56 -10.39
CA GLY A 354 -23.83 17.65 -11.40
C GLY A 354 -23.00 17.28 -12.62
N TYR A 355 -21.76 16.82 -12.42
CA TYR A 355 -20.84 16.48 -13.54
C TYR A 355 -21.32 15.22 -14.28
N ALA A 356 -21.81 14.19 -13.58
CA ALA A 356 -22.26 12.90 -14.18
C ALA A 356 -23.51 13.13 -15.04
N GLN A 357 -24.27 14.18 -14.73
CA GLN A 357 -25.47 14.56 -15.52
C GLN A 357 -25.02 15.00 -16.91
N LYS A 358 -23.88 15.67 -17.04
CA LYS A 358 -23.38 16.19 -18.35
C LYS A 358 -22.45 15.17 -19.02
N ARG A 359 -22.18 14.02 -18.42
CA ARG A 359 -21.11 13.10 -18.90
C ARG A 359 -21.43 11.67 -18.54
N ARG A 360 -21.70 10.85 -19.56
CA ARG A 360 -22.04 9.43 -19.35
C ARG A 360 -20.77 8.63 -19.05
N ASP A 361 -19.56 9.18 -19.27
CA ASP A 361 -18.29 8.42 -19.05
C ASP A 361 -17.89 8.37 -17.56
N ILE A 362 -18.56 9.11 -16.67
CA ILE A 362 -18.21 9.11 -15.22
C ILE A 362 -18.82 7.88 -14.54
N VAL A 363 -18.00 7.08 -13.86
CA VAL A 363 -18.45 5.94 -13.00
C VAL A 363 -17.87 6.17 -11.60
N ALA A 364 -18.57 5.70 -10.57
CA ALA A 364 -18.14 5.90 -9.16
C ALA A 364 -17.88 4.51 -8.57
N ILE A 365 -16.87 4.42 -7.73
CA ILE A 365 -16.45 3.17 -7.03
C ILE A 365 -16.27 3.48 -5.55
N THR A 366 -16.83 2.64 -4.69
CA THR A 366 -16.61 2.66 -3.21
C THR A 366 -16.13 1.25 -2.82
N ALA A 367 -15.25 1.21 -1.84
CA ALA A 367 -14.87 0.00 -1.09
C ALA A 367 -15.78 -0.09 0.14
N ALA A 368 -17.03 -0.44 -0.12
CA ALA A 368 -18.05 -0.82 0.86
C ALA A 368 -18.54 0.37 1.69
N MET A 369 -18.40 1.61 1.24
CA MET A 369 -18.88 2.75 2.05
C MET A 369 -19.66 3.73 1.16
N PRO A 370 -20.69 3.27 0.42
CA PRO A 370 -21.45 4.17 -0.44
C PRO A 370 -22.18 5.28 0.35
N GLY A 371 -22.69 4.98 1.54
CA GLY A 371 -23.38 5.98 2.37
C GLY A 371 -22.41 7.08 2.80
N PRO A 372 -21.41 6.74 3.64
CA PRO A 372 -20.47 7.71 4.19
C PRO A 372 -19.64 8.49 3.16
N THR A 373 -19.46 7.97 1.93
CA THR A 373 -18.65 8.67 0.89
C THR A 373 -19.51 9.64 0.08
N GLY A 374 -20.82 9.61 0.24
CA GLY A 374 -21.79 10.42 -0.51
C GLY A 374 -22.14 9.80 -1.86
N LEU A 375 -21.86 8.52 -2.08
CA LEU A 375 -22.09 7.88 -3.40
C LEU A 375 -23.45 7.17 -3.48
N THR A 376 -24.16 6.91 -2.37
CA THR A 376 -25.56 6.40 -2.40
C THR A 376 -26.46 7.34 -3.24
N ALA A 377 -26.34 8.65 -3.10
CA ALA A 377 -27.20 9.59 -3.85
C ALA A 377 -26.90 9.47 -5.36
N PHE A 378 -25.62 9.32 -5.70
CA PHE A 378 -25.12 9.12 -7.09
C PHE A 378 -25.72 7.82 -7.65
N GLY A 379 -25.60 6.73 -6.90
CA GLY A 379 -26.17 5.40 -7.23
C GLY A 379 -27.69 5.48 -7.45
N GLN A 380 -28.40 6.33 -6.71
CA GLN A 380 -29.87 6.46 -6.86
C GLN A 380 -30.17 7.12 -8.22
N ARG A 381 -29.33 8.03 -8.70
CA ARG A 381 -29.53 8.75 -9.98
C ARG A 381 -28.94 7.94 -11.15
N PHE A 382 -27.88 7.15 -10.92
CA PHE A 382 -27.12 6.45 -12.00
C PHE A 382 -26.76 5.04 -11.53
N PRO A 383 -27.76 4.18 -11.32
CA PRO A 383 -27.51 2.90 -10.64
C PRO A 383 -26.56 1.97 -11.39
N ASP A 384 -26.43 2.12 -12.71
CA ASP A 384 -25.52 1.29 -13.54
C ASP A 384 -24.09 1.80 -13.40
N ARG A 385 -23.87 2.95 -12.76
CA ARG A 385 -22.55 3.62 -12.79
C ARG A 385 -21.93 3.72 -11.38
N LEU A 386 -22.50 3.03 -10.40
CA LEU A 386 -21.92 2.96 -9.03
C LEU A 386 -21.53 1.53 -8.77
N PHE A 387 -20.26 1.27 -8.45
CA PHE A 387 -19.78 -0.09 -8.09
C PHE A 387 -19.34 -0.04 -6.62
N ASP A 388 -19.89 -0.96 -5.83
CA ASP A 388 -19.42 -1.25 -4.45
C ASP A 388 -18.66 -2.57 -4.52
N VAL A 389 -17.36 -2.54 -4.33
CA VAL A 389 -16.48 -3.73 -4.57
C VAL A 389 -16.22 -4.51 -3.28
N GLY A 390 -16.87 -4.14 -2.17
CA GLY A 390 -16.58 -4.74 -0.85
C GLY A 390 -15.43 -3.98 -0.20
N ILE A 391 -14.87 -4.51 0.89
CA ILE A 391 -13.72 -3.90 1.62
C ILE A 391 -12.46 -4.33 0.86
N ALA A 392 -12.26 -3.72 -0.32
CA ALA A 392 -11.29 -4.17 -1.33
C ALA A 392 -10.72 -2.97 -2.07
N GLU A 393 -10.01 -2.13 -1.34
CA GLU A 393 -9.40 -0.88 -1.85
C GLU A 393 -8.48 -1.23 -3.03
N GLN A 394 -7.76 -2.35 -2.97
CA GLN A 394 -6.82 -2.77 -4.05
C GLN A 394 -7.63 -3.00 -5.32
N HIS A 395 -8.70 -3.80 -5.21
CA HIS A 395 -9.59 -4.09 -6.34
C HIS A 395 -10.29 -2.80 -6.83
N ALA A 396 -10.70 -1.93 -5.92
CA ALA A 396 -11.35 -0.64 -6.28
C ALA A 396 -10.45 0.09 -7.28
N MET A 397 -9.15 0.17 -6.99
CA MET A 397 -8.18 0.95 -7.80
C MET A 397 -7.84 0.23 -9.10
N THR A 398 -7.60 -1.08 -9.09
CA THR A 398 -7.20 -1.80 -10.33
C THR A 398 -8.40 -1.99 -11.24
N SER A 399 -9.58 -2.24 -10.69
CA SER A 399 -10.82 -2.26 -11.48
C SER A 399 -11.10 -0.87 -12.06
N ALA A 400 -10.78 0.19 -11.33
CA ALA A 400 -10.83 1.57 -11.87
C ALA A 400 -9.88 1.65 -13.08
N ALA A 401 -8.66 1.10 -12.97
CA ALA A 401 -7.71 1.08 -14.10
C ALA A 401 -8.37 0.38 -15.29
N GLY A 402 -9.03 -0.76 -15.08
CA GLY A 402 -9.68 -1.51 -16.17
C GLY A 402 -10.80 -0.70 -16.80
N LEU A 403 -11.61 -0.04 -15.98
CA LEU A 403 -12.68 0.86 -16.50
C LEU A 403 -12.08 1.97 -17.36
N ALA A 404 -10.96 2.57 -16.94
CA ALA A 404 -10.28 3.66 -17.69
C ALA A 404 -9.72 3.08 -18.99
N MET A 405 -9.21 1.86 -18.99
CA MET A 405 -8.69 1.24 -20.23
C MET A 405 -9.86 1.02 -21.20
N GLY A 406 -11.08 0.84 -20.71
CA GLY A 406 -12.29 0.71 -21.55
C GLY A 406 -12.94 2.05 -21.88
N GLY A 407 -12.28 3.18 -21.58
CA GLY A 407 -12.68 4.51 -22.05
C GLY A 407 -13.48 5.30 -21.03
N LEU A 408 -13.60 4.84 -19.78
CA LEU A 408 -14.42 5.59 -18.77
C LEU A 408 -13.49 6.43 -17.90
N HIS A 409 -14.08 7.36 -17.14
CA HIS A 409 -13.36 8.19 -16.14
C HIS A 409 -13.88 7.82 -14.74
N PRO A 410 -13.28 6.80 -14.10
CA PRO A 410 -13.70 6.38 -12.77
C PRO A 410 -13.35 7.45 -11.72
N VAL A 411 -14.31 7.66 -10.81
CA VAL A 411 -14.14 8.42 -9.54
C VAL A 411 -14.17 7.41 -8.40
N VAL A 412 -13.03 7.19 -7.74
CA VAL A 412 -12.87 6.18 -6.65
C VAL A 412 -12.89 6.96 -5.33
N ALA A 413 -13.96 6.86 -4.55
CA ALA A 413 -14.10 7.57 -3.26
C ALA A 413 -13.73 6.59 -2.15
N ILE A 414 -12.56 6.79 -1.54
CA ILE A 414 -12.02 5.98 -0.42
C ILE A 414 -11.47 6.96 0.62
N TYR A 415 -11.86 6.81 1.87
CA TYR A 415 -11.31 7.61 2.99
C TYR A 415 -9.79 7.55 2.91
N SER A 416 -9.18 8.69 3.22
CA SER A 416 -7.73 8.93 3.17
C SER A 416 -6.91 7.77 3.74
N THR A 417 -7.13 7.39 5.01
CA THR A 417 -6.31 6.38 5.71
C THR A 417 -6.36 5.03 4.96
N PHE A 418 -7.55 4.62 4.48
CA PHE A 418 -7.74 3.29 3.82
C PHE A 418 -7.07 3.25 2.44
N LEU A 419 -6.84 4.40 1.80
CA LEU A 419 -6.16 4.44 0.48
C LEU A 419 -4.73 3.89 0.60
N ASN A 420 -4.13 3.86 1.79
CA ASN A 420 -2.80 3.23 2.00
C ASN A 420 -2.76 1.83 1.37
N ARG A 421 -3.87 1.10 1.50
CA ARG A 421 -3.99 -0.30 1.00
C ARG A 421 -3.76 -0.35 -0.51
N ALA A 422 -4.04 0.74 -1.24
CA ALA A 422 -4.09 0.75 -2.72
C ALA A 422 -2.85 1.43 -3.33
N PHE A 423 -1.82 1.69 -2.54
CA PHE A 423 -0.62 2.45 -2.99
C PHE A 423 -0.05 1.80 -4.25
N ASP A 424 0.16 0.47 -4.24
CA ASP A 424 0.84 -0.21 -5.36
C ASP A 424 -0.09 -0.24 -6.57
N GLN A 425 -1.41 -0.19 -6.35
CA GLN A 425 -2.36 -0.20 -7.48
C GLN A 425 -2.39 1.21 -8.11
N ILE A 426 -2.29 2.27 -7.31
CA ILE A 426 -2.23 3.66 -7.84
C ILE A 426 -0.97 3.76 -8.73
N MET A 427 0.13 3.19 -8.24
CA MET A 427 1.47 3.24 -8.85
C MET A 427 1.45 2.45 -10.16
N MET A 428 1.26 1.14 -10.09
CA MET A 428 1.57 0.22 -11.21
C MET A 428 0.36 -0.06 -12.09
N ASP A 429 -0.86 0.10 -11.60
CA ASP A 429 -2.06 -0.17 -12.42
C ASP A 429 -2.59 1.14 -13.01
N VAL A 430 -2.66 2.23 -12.25
CA VAL A 430 -3.22 3.51 -12.76
C VAL A 430 -2.12 4.38 -13.38
N ALA A 431 -1.15 4.83 -12.58
CA ALA A 431 -0.15 5.82 -12.99
C ALA A 431 0.74 5.26 -14.13
N LEU A 432 1.17 4.01 -14.03
CA LEU A 432 2.11 3.43 -15.03
C LEU A 432 1.48 3.52 -16.42
N HIS A 433 0.15 3.38 -16.50
CA HIS A 433 -0.63 3.30 -17.76
C HIS A 433 -1.21 4.67 -18.13
N LYS A 434 -0.92 5.72 -17.36
CA LYS A 434 -1.35 7.11 -17.62
C LYS A 434 -2.88 7.18 -17.72
N LEU A 435 -3.58 6.50 -16.82
CA LEU A 435 -5.05 6.36 -16.90
C LEU A 435 -5.73 7.45 -16.10
N PRO A 436 -6.85 7.99 -16.63
CA PRO A 436 -7.61 9.04 -15.93
C PRO A 436 -8.53 8.48 -14.85
N VAL A 437 -7.96 8.10 -13.71
CA VAL A 437 -8.74 7.73 -12.50
C VAL A 437 -8.66 8.92 -11.54
N THR A 438 -9.81 9.41 -11.08
CA THR A 438 -9.89 10.45 -10.05
C THR A 438 -10.17 9.76 -8.70
N MET A 439 -9.28 9.97 -7.73
CA MET A 439 -9.46 9.47 -6.35
C MET A 439 -10.00 10.60 -5.49
N VAL A 440 -11.02 10.33 -4.70
CA VAL A 440 -11.58 11.34 -3.77
C VAL A 440 -11.43 10.82 -2.34
N LEU A 441 -10.58 11.50 -1.55
CA LEU A 441 -10.16 11.07 -0.20
C LEU A 441 -10.84 11.94 0.86
N ASP A 442 -12.00 11.48 1.33
CA ASP A 442 -12.75 12.09 2.45
C ASP A 442 -12.02 11.72 3.74
N ARG A 443 -12.36 12.38 4.85
CA ARG A 443 -11.71 12.14 6.16
C ARG A 443 -10.21 12.32 6.00
N ALA A 444 -9.80 13.31 5.20
CA ALA A 444 -8.38 13.68 5.03
C ALA A 444 -7.97 14.58 6.20
N GLY A 445 -6.76 14.40 6.70
CA GLY A 445 -6.32 15.15 7.88
C GLY A 445 -6.83 14.51 9.17
N ILE A 446 -6.67 15.19 10.30
CA ILE A 446 -7.08 14.61 11.60
C ILE A 446 -8.59 14.37 11.59
N THR A 447 -8.99 13.16 12.00
CA THR A 447 -10.41 12.82 12.28
C THR A 447 -10.60 12.76 13.81
N GLY A 448 -9.58 12.35 14.55
CA GLY A 448 -9.57 12.42 16.02
C GLY A 448 -10.13 11.18 16.72
N SER A 449 -11.45 11.02 16.76
CA SER A 449 -12.10 10.20 17.82
C SER A 449 -11.95 8.71 17.52
N ASP A 450 -11.57 8.33 16.29
CA ASP A 450 -11.32 6.92 15.91
C ASP A 450 -9.86 6.56 16.07
N GLY A 451 -9.05 7.49 16.60
CA GLY A 451 -7.66 7.23 16.98
C GLY A 451 -6.70 7.06 15.81
N ALA A 452 -5.52 6.50 16.11
CA ALA A 452 -4.32 6.58 15.27
C ALA A 452 -4.57 6.05 13.85
N SER A 453 -5.34 4.96 13.74
CA SER A 453 -5.48 4.20 12.48
C SER A 453 -6.57 4.82 11.60
N HIS A 454 -7.18 5.92 12.02
CA HIS A 454 -8.27 6.57 11.24
C HIS A 454 -7.82 7.90 10.67
N ASN A 455 -6.93 8.62 11.35
CA ASN A 455 -6.48 9.97 10.90
C ASN A 455 -5.97 9.89 9.45
N GLY A 456 -6.48 10.77 8.58
CA GLY A 456 -6.12 10.82 7.15
C GLY A 456 -4.86 11.62 6.91
N MET A 457 -3.75 11.18 7.50
CA MET A 457 -2.57 12.07 7.61
C MET A 457 -1.39 11.53 6.77
N TRP A 458 -1.63 10.60 5.86
CA TRP A 458 -0.54 9.96 5.04
C TRP A 458 -0.67 10.34 3.55
N ASP A 459 -1.83 10.80 3.11
CA ASP A 459 -2.18 10.75 1.66
C ASP A 459 -1.31 11.73 0.83
N LEU A 460 -0.97 12.90 1.34
CA LEU A 460 -0.16 13.86 0.53
C LEU A 460 1.25 13.31 0.38
N SER A 461 1.73 12.60 1.40
CA SER A 461 3.10 12.00 1.43
C SER A 461 3.12 10.80 0.48
N MET A 462 2.11 9.94 0.56
CA MET A 462 2.05 8.72 -0.26
C MET A 462 1.85 9.12 -1.73
N LEU A 463 0.89 9.99 -2.03
CA LEU A 463 0.53 10.34 -3.42
C LEU A 463 1.69 11.09 -4.09
N GLY A 464 2.49 11.81 -3.30
CA GLY A 464 3.65 12.53 -3.82
C GLY A 464 4.68 11.59 -4.45
N ILE A 465 4.67 10.29 -4.13
CA ILE A 465 5.63 9.31 -4.69
C ILE A 465 5.23 8.96 -6.14
N VAL A 466 3.96 9.11 -6.48
CA VAL A 466 3.36 8.55 -7.73
C VAL A 466 3.79 9.44 -8.90
N PRO A 467 4.60 8.94 -9.87
CA PRO A 467 4.96 9.71 -11.06
C PRO A 467 3.73 10.30 -11.75
N GLY A 468 3.77 11.60 -12.00
CA GLY A 468 2.83 12.31 -12.90
C GLY A 468 1.51 12.57 -12.22
N ILE A 469 1.40 12.35 -10.91
CA ILE A 469 0.09 12.54 -10.22
C ILE A 469 -0.21 14.03 -10.05
N ARG A 470 -1.49 14.36 -10.01
CA ARG A 470 -2.00 15.71 -9.73
C ARG A 470 -2.90 15.62 -8.50
N VAL A 471 -2.60 16.34 -7.43
CA VAL A 471 -3.34 16.23 -6.15
C VAL A 471 -3.89 17.60 -5.79
N ALA A 472 -5.20 17.68 -5.54
CA ALA A 472 -5.89 18.92 -5.12
C ALA A 472 -6.34 18.78 -3.66
N ALA A 473 -6.32 19.89 -2.93
CA ALA A 473 -6.83 19.94 -1.56
C ALA A 473 -7.81 21.12 -1.47
N PRO A 474 -9.11 20.88 -1.69
CA PRO A 474 -10.11 21.96 -1.60
C PRO A 474 -10.09 22.75 -0.28
N ARG A 475 -10.08 24.08 -0.40
CA ARG A 475 -10.13 24.97 0.80
C ARG A 475 -11.58 25.22 1.21
N ASP A 476 -12.55 25.02 0.31
CA ASP A 476 -13.98 25.31 0.61
C ASP A 476 -14.87 24.60 -0.40
N ALA A 477 -16.19 24.81 -0.29
CA ALA A 477 -17.21 24.14 -1.14
C ALA A 477 -16.98 24.48 -2.62
N THR A 478 -16.80 25.75 -2.97
CA THR A 478 -16.63 26.17 -4.37
C THR A 478 -15.37 25.53 -4.96
N ARG A 479 -14.29 25.47 -4.19
CA ARG A 479 -13.01 24.91 -4.69
C ARG A 479 -13.15 23.40 -4.80
N LEU A 480 -13.91 22.75 -3.92
CA LEU A 480 -14.19 21.31 -4.11
C LEU A 480 -14.87 21.13 -5.49
N ARG A 481 -15.95 21.87 -5.75
CA ARG A 481 -16.67 21.78 -7.06
C ARG A 481 -15.70 22.03 -8.23
N GLU A 482 -14.96 23.13 -8.16
CA GLU A 482 -14.07 23.53 -9.27
C GLU A 482 -12.99 22.45 -9.47
N GLU A 483 -12.37 22.00 -8.39
CA GLU A 483 -11.19 21.09 -8.47
C GLU A 483 -11.72 19.73 -8.93
N LEU A 484 -12.94 19.36 -8.58
CA LEU A 484 -13.50 18.08 -9.08
C LEU A 484 -13.62 18.19 -10.60
N GLY A 485 -14.17 19.30 -11.11
CA GLY A 485 -14.30 19.52 -12.57
C GLY A 485 -12.94 19.46 -13.25
N GLU A 486 -11.93 20.10 -12.67
CA GLU A 486 -10.56 20.10 -13.24
C GLU A 486 -10.02 18.67 -13.24
N ALA A 487 -10.24 17.91 -12.17
CA ALA A 487 -9.79 16.50 -12.12
C ALA A 487 -10.44 15.71 -13.25
N LEU A 488 -11.74 15.91 -13.44
CA LEU A 488 -12.51 15.17 -14.48
C LEU A 488 -12.04 15.55 -15.88
N ASP A 489 -11.40 16.71 -16.04
CA ASP A 489 -10.87 17.17 -17.36
C ASP A 489 -9.48 16.58 -17.63
N VAL A 490 -8.82 15.95 -16.65
CA VAL A 490 -7.50 15.31 -16.85
C VAL A 490 -7.71 13.91 -17.44
N ASP A 491 -7.32 13.71 -18.69
CA ASP A 491 -7.64 12.47 -19.44
C ASP A 491 -6.38 11.60 -19.55
N ASP A 492 -5.26 11.96 -18.92
CA ASP A 492 -3.97 11.30 -19.24
C ASP A 492 -3.18 10.94 -17.98
N GLY A 493 -3.86 10.82 -16.84
CA GLY A 493 -3.19 10.35 -15.63
C GLY A 493 -4.08 10.52 -14.41
N PRO A 494 -3.63 9.96 -13.28
CA PRO A 494 -4.42 10.02 -12.06
C PRO A 494 -4.51 11.43 -11.46
N THR A 495 -5.66 11.70 -10.86
CA THR A 495 -5.96 12.91 -10.09
C THR A 495 -6.46 12.48 -8.71
N ALA A 496 -6.31 13.34 -7.70
CA ALA A 496 -6.80 13.09 -6.33
C ALA A 496 -7.30 14.41 -5.75
N LEU A 497 -8.41 14.36 -5.00
CA LEU A 497 -8.95 15.45 -4.13
C LEU A 497 -8.98 14.90 -2.70
N ARG A 498 -8.53 15.69 -1.74
CA ARG A 498 -8.57 15.29 -0.32
C ARG A 498 -9.23 16.43 0.46
N PHE A 499 -10.11 16.10 1.38
CA PHE A 499 -10.82 17.09 2.22
C PHE A 499 -11.20 16.42 3.52
N PRO A 500 -11.39 17.21 4.57
CA PRO A 500 -11.66 16.65 5.90
C PRO A 500 -13.10 16.20 6.10
N LYS A 501 -13.30 15.50 7.22
CA LYS A 501 -14.62 15.23 7.79
C LYS A 501 -15.29 16.55 8.19
N GLY A 502 -16.61 16.53 8.39
CA GLY A 502 -17.38 17.59 9.06
C GLY A 502 -17.94 18.61 8.09
N ASP A 503 -18.26 19.78 8.63
CA ASP A 503 -18.93 20.90 7.92
C ASP A 503 -17.89 21.61 7.07
N VAL A 504 -18.26 22.00 5.87
CA VAL A 504 -17.35 22.76 4.99
C VAL A 504 -17.31 24.18 5.57
N GLY A 505 -16.12 24.77 5.71
CA GLY A 505 -15.98 26.17 6.15
C GLY A 505 -16.55 27.09 5.09
N GLU A 506 -16.88 28.32 5.45
CA GLU A 506 -17.44 29.30 4.49
C GLU A 506 -16.48 29.45 3.30
N ASP A 507 -17.02 29.85 2.15
CA ASP A 507 -16.22 30.14 0.93
C ASP A 507 -15.26 31.31 1.20
N ILE A 508 -14.03 31.21 0.72
CA ILE A 508 -13.03 32.31 0.71
C ILE A 508 -12.65 32.58 -0.75
N SER A 509 -13.22 33.60 -1.37
CA SER A 509 -12.84 33.99 -2.75
C SER A 509 -11.43 34.57 -2.74
N ALA A 510 -10.67 34.29 -3.78
CA ALA A 510 -9.26 34.72 -3.93
C ALA A 510 -9.19 36.20 -4.36
N LEU A 511 -8.13 36.91 -4.00
CA LEU A 511 -7.87 38.26 -4.58
C LEU A 511 -7.50 38.11 -6.05
N GLU A 512 -6.69 37.11 -6.38
CA GLU A 512 -6.28 36.80 -7.78
C GLU A 512 -5.76 35.37 -7.87
N ARG A 513 -5.69 34.87 -9.10
CA ARG A 513 -5.10 33.57 -9.43
C ARG A 513 -3.82 33.84 -10.22
N ARG A 514 -2.68 33.35 -9.76
CA ARG A 514 -1.38 33.49 -10.45
C ARG A 514 -0.73 32.13 -10.60
N GLY A 515 -0.52 31.70 -11.85
CA GLY A 515 0.17 30.43 -12.15
C GLY A 515 -0.44 29.29 -11.36
N GLY A 516 -1.77 29.22 -11.35
CA GLY A 516 -2.57 28.14 -10.72
C GLY A 516 -2.98 28.46 -9.28
N VAL A 517 -2.27 29.38 -8.63
CA VAL A 517 -2.37 29.62 -7.17
C VAL A 517 -3.40 30.70 -6.89
N ASP A 518 -4.23 30.50 -5.87
CA ASP A 518 -5.20 31.52 -5.38
C ASP A 518 -4.51 32.33 -4.29
N VAL A 519 -4.30 33.62 -4.52
CA VAL A 519 -3.82 34.53 -3.44
C VAL A 519 -5.05 34.90 -2.62
N LEU A 520 -5.07 34.53 -1.35
CA LEU A 520 -6.23 34.77 -0.47
C LEU A 520 -6.02 36.06 0.31
N ALA A 521 -4.78 36.41 0.60
CA ALA A 521 -4.44 37.60 1.44
C ALA A 521 -3.10 38.15 0.96
N ALA A 522 -2.96 39.46 0.89
CA ALA A 522 -1.69 40.12 0.53
C ALA A 522 -1.32 41.13 1.61
N PRO A 523 -0.04 41.49 1.77
CA PRO A 523 0.36 42.46 2.77
C PRO A 523 -0.43 43.76 2.54
N ALA A 524 -1.00 44.30 3.60
CA ALA A 524 -1.83 45.52 3.51
C ALA A 524 -1.20 46.65 4.32
N ASP A 525 -1.55 47.88 3.92
CA ASP A 525 -1.39 49.11 4.74
C ASP A 525 0.09 49.30 5.06
N GLY A 526 0.97 49.15 4.07
CA GLY A 526 2.39 49.51 4.17
C GLY A 526 3.28 48.36 4.63
N LEU A 527 2.75 47.19 4.99
CA LEU A 527 3.61 46.03 5.38
C LEU A 527 4.20 45.41 4.11
N ASN A 528 5.28 44.64 4.24
CA ASN A 528 6.05 44.11 3.09
C ASN A 528 5.77 42.62 2.89
N HIS A 529 6.27 42.06 1.80
CA HIS A 529 6.18 40.61 1.48
C HIS A 529 7.19 39.84 2.32
N ASP A 530 6.85 39.57 3.57
CA ASP A 530 7.76 38.94 4.57
C ASP A 530 7.61 37.41 4.45
N VAL A 531 6.39 36.92 4.65
CA VAL A 531 6.11 35.45 4.78
C VAL A 531 5.12 35.07 3.69
N LEU A 532 5.48 34.08 2.88
CA LEU A 532 4.52 33.39 1.99
C LEU A 532 3.95 32.21 2.78
N LEU A 533 2.70 32.30 3.22
CA LEU A 533 2.01 31.24 3.99
C LEU A 533 1.24 30.38 2.98
N VAL A 534 1.73 29.17 2.72
CA VAL A 534 1.10 28.24 1.74
C VAL A 534 0.11 27.36 2.51
N ALA A 535 -1.17 27.72 2.45
CA ALA A 535 -2.26 27.08 3.20
C ALA A 535 -2.78 25.92 2.38
N ILE A 536 -2.60 24.71 2.87
CA ILE A 536 -3.11 23.49 2.19
C ILE A 536 -4.54 23.22 2.68
N GLY A 537 -5.43 23.12 1.72
CA GLY A 537 -6.82 22.67 1.92
C GLY A 537 -7.54 23.40 3.04
N ALA A 538 -8.03 22.65 4.03
CA ALA A 538 -8.96 23.16 5.06
C ALA A 538 -8.23 24.02 6.09
N PHE A 539 -6.90 24.21 5.98
CA PHE A 539 -6.15 25.11 6.89
C PHE A 539 -6.15 26.56 6.34
N ALA A 540 -6.86 26.88 5.26
CA ALA A 540 -6.99 28.27 4.76
C ALA A 540 -7.53 29.22 5.85
N PRO A 541 -8.65 28.95 6.56
CA PRO A 541 -9.15 29.86 7.58
C PRO A 541 -8.14 30.09 8.72
N MET A 542 -7.45 29.03 9.15
CA MET A 542 -6.40 29.16 10.18
C MET A 542 -5.27 30.07 9.64
N ALA A 543 -4.85 29.91 8.38
CA ALA A 543 -3.78 30.73 7.75
C ALA A 543 -4.20 32.21 7.73
N LEU A 544 -5.46 32.51 7.39
CA LEU A 544 -5.96 33.90 7.39
C LEU A 544 -5.87 34.49 8.80
N ALA A 545 -6.23 33.72 9.83
CA ALA A 545 -6.16 34.21 11.23
C ALA A 545 -4.69 34.40 11.61
N VAL A 546 -3.82 33.49 11.18
CA VAL A 546 -2.35 33.62 11.42
C VAL A 546 -1.88 34.93 10.78
N ALA A 547 -2.25 35.20 9.53
CA ALA A 547 -1.80 36.40 8.79
C ALA A 547 -2.22 37.65 9.58
N LYS A 548 -3.41 37.63 10.18
CA LYS A 548 -3.92 38.84 10.88
C LYS A 548 -3.11 39.06 12.16
N ARG A 549 -2.84 38.00 12.91
CA ARG A 549 -2.01 38.11 14.14
C ARG A 549 -0.62 38.65 13.74
N LEU A 550 -0.05 38.14 12.64
CA LEU A 550 1.31 38.54 12.20
C LEU A 550 1.30 40.00 11.72
N HIS A 551 0.23 40.41 11.05
CA HIS A 551 0.04 41.82 10.61
C HIS A 551 0.26 42.69 11.85
N ASN A 552 -0.33 42.31 12.99
CA ASN A 552 -0.30 43.10 14.24
C ASN A 552 1.11 43.12 14.84
N GLN A 553 1.97 42.16 14.46
CA GLN A 553 3.39 42.07 14.88
C GLN A 553 4.25 42.88 13.89
N GLY A 554 3.66 43.49 12.86
CA GLY A 554 4.38 44.20 11.78
C GLY A 554 4.98 43.27 10.74
N ILE A 555 4.48 42.04 10.63
CA ILE A 555 4.99 41.04 9.66
C ILE A 555 3.94 40.89 8.57
N GLY A 556 4.33 41.15 7.33
CA GLY A 556 3.42 41.11 6.18
C GLY A 556 3.37 39.72 5.57
N VAL A 557 2.16 39.23 5.35
CA VAL A 557 1.95 37.81 4.95
C VAL A 557 1.16 37.78 3.66
N THR A 558 1.64 37.04 2.68
CA THR A 558 0.82 36.61 1.54
C THR A 558 0.31 35.20 1.86
N VAL A 559 -0.99 35.01 1.94
CA VAL A 559 -1.60 33.64 2.10
C VAL A 559 -2.02 33.16 0.73
N ILE A 560 -1.53 31.99 0.32
CA ILE A 560 -1.98 31.36 -0.95
C ILE A 560 -2.60 30.00 -0.65
N ASP A 561 -3.57 29.63 -1.49
CA ASP A 561 -4.03 28.25 -1.64
C ASP A 561 -3.49 27.82 -2.99
N PRO A 562 -2.57 26.82 -3.06
CA PRO A 562 -2.07 26.36 -4.36
C PRO A 562 -3.14 25.60 -5.14
N ARG A 563 -4.22 25.17 -4.48
CA ARG A 563 -5.36 24.42 -5.06
C ARG A 563 -4.85 23.04 -5.46
N TRP A 564 -4.05 22.97 -6.53
CA TRP A 564 -3.31 21.76 -6.95
C TRP A 564 -1.96 21.77 -6.24
N VAL A 565 -1.87 21.01 -5.15
CA VAL A 565 -0.70 20.98 -4.25
C VAL A 565 0.43 20.23 -4.95
N LEU A 566 0.11 19.19 -5.70
CA LEU A 566 1.13 18.41 -6.45
C LEU A 566 0.68 18.33 -7.89
N PRO A 567 1.58 18.52 -8.87
CA PRO A 567 2.96 18.96 -8.59
C PRO A 567 2.97 20.42 -8.13
N VAL A 568 4.06 20.86 -7.51
CA VAL A 568 4.20 22.25 -7.02
C VAL A 568 4.23 23.18 -8.24
N SER A 569 3.36 24.19 -8.26
CA SER A 569 3.12 25.03 -9.46
C SER A 569 4.15 26.16 -9.55
N ASP A 570 4.25 26.72 -10.76
CA ASP A 570 4.98 27.94 -11.12
C ASP A 570 4.56 29.08 -10.18
N GLY A 571 3.27 29.20 -9.89
CA GLY A 571 2.75 30.24 -8.98
C GLY A 571 3.50 30.23 -7.66
N VAL A 572 3.71 29.05 -7.07
CA VAL A 572 4.42 28.94 -5.76
C VAL A 572 5.86 29.46 -5.93
N ARG A 573 6.57 29.04 -6.97
CA ARG A 573 7.98 29.47 -7.23
C ARG A 573 8.03 30.99 -7.45
N GLU A 574 7.10 31.52 -8.24
CA GLU A 574 7.02 32.97 -8.62
C GLU A 574 6.86 33.80 -7.34
N LEU A 575 5.92 33.45 -6.45
CA LEU A 575 5.68 34.20 -5.19
C LEU A 575 6.81 33.99 -4.18
N ALA A 576 7.41 32.78 -4.12
CA ALA A 576 8.45 32.46 -3.11
C ALA A 576 9.58 33.48 -3.19
N VAL A 577 10.02 33.80 -4.40
CA VAL A 577 11.23 34.66 -4.60
C VAL A 577 10.92 36.09 -4.16
N GLN A 578 9.65 36.46 -3.96
CA GLN A 578 9.25 37.83 -3.52
C GLN A 578 9.18 37.92 -1.98
N HIS A 579 9.34 36.81 -1.26
CA HIS A 579 9.21 36.75 0.22
C HIS A 579 10.53 36.34 0.86
N LYS A 580 10.66 36.51 2.18
CA LYS A 580 11.87 36.23 2.98
C LYS A 580 11.79 34.85 3.64
N LEU A 581 10.59 34.31 3.75
CA LEU A 581 10.37 33.01 4.41
C LEU A 581 9.09 32.41 3.82
N LEU A 582 9.12 31.09 3.55
CA LEU A 582 7.94 30.34 3.08
C LEU A 582 7.57 29.35 4.19
N VAL A 583 6.32 29.40 4.62
CA VAL A 583 5.79 28.46 5.66
C VAL A 583 4.62 27.72 5.00
N THR A 584 4.69 26.39 4.91
CA THR A 584 3.57 25.55 4.43
C THR A 584 2.79 25.07 5.67
N LEU A 585 1.45 25.10 5.62
CA LEU A 585 0.56 24.73 6.74
C LEU A 585 -0.38 23.64 6.24
N GLU A 586 -0.21 22.41 6.73
CA GLU A 586 -0.86 21.21 6.13
C GLU A 586 -1.42 20.28 7.21
N ASP A 587 -2.62 19.76 6.93
CA ASP A 587 -3.32 18.77 7.79
C ASP A 587 -2.87 17.39 7.27
N ASN A 588 -1.60 17.09 7.48
CA ASN A 588 -0.94 15.89 6.90
C ASN A 588 0.36 15.69 7.67
N GLY A 589 0.84 14.44 7.74
CA GLY A 589 2.20 14.16 8.23
C GLY A 589 3.24 14.97 7.49
N VAL A 590 4.14 15.66 8.20
CA VAL A 590 5.16 16.54 7.57
C VAL A 590 6.21 15.71 6.81
N ASN A 591 6.43 14.46 7.18
CA ASN A 591 7.46 13.67 6.45
C ASN A 591 6.96 13.34 5.05
N GLY A 592 7.67 13.85 4.03
CA GLY A 592 7.28 13.75 2.61
C GLY A 592 6.01 14.49 2.29
N GLY A 593 5.55 15.37 3.17
CA GLY A 593 4.27 16.09 3.00
C GLY A 593 4.41 17.27 2.05
N ALA A 594 3.38 18.11 1.99
CA ALA A 594 3.28 19.24 1.06
C ALA A 594 4.43 20.23 1.30
N GLY A 595 4.72 20.56 2.56
CA GLY A 595 5.83 21.48 2.90
C GLY A 595 7.16 20.98 2.35
N SER A 596 7.47 19.70 2.53
CA SER A 596 8.76 19.12 2.06
CA SER A 596 8.75 19.11 2.06
C SER A 596 8.77 19.13 0.52
N ALA A 597 7.61 18.93 -0.10
CA ALA A 597 7.48 18.98 -1.57
C ALA A 597 7.73 20.41 -2.06
N VAL A 598 7.16 21.40 -1.37
CA VAL A 598 7.34 22.83 -1.77
C VAL A 598 8.83 23.15 -1.69
N SER A 599 9.48 22.85 -0.57
CA SER A 599 10.94 23.05 -0.38
C SER A 599 11.72 22.40 -1.52
N ALA A 600 11.46 21.12 -1.77
CA ALA A 600 12.14 20.34 -2.83
C ALA A 600 11.96 21.01 -4.19
N ALA A 601 10.75 21.49 -4.53
CA ALA A 601 10.47 22.14 -5.82
C ALA A 601 11.27 23.44 -5.92
N LEU A 602 11.35 24.23 -4.84
CA LEU A 602 12.10 25.51 -4.87
C LEU A 602 13.59 25.21 -5.08
N ARG A 603 14.14 24.31 -4.28
CA ARG A 603 15.58 23.96 -4.34
C ARG A 603 15.92 23.44 -5.75
N ARG A 604 15.06 22.62 -6.34
CA ARG A 604 15.18 22.17 -7.76
C ARG A 604 15.27 23.36 -8.71
N ALA A 605 14.55 24.45 -8.43
CA ALA A 605 14.52 25.68 -9.25
C ALA A 605 15.58 26.71 -8.78
N GLU A 606 16.52 26.31 -7.92
CA GLU A 606 17.63 27.15 -7.41
C GLU A 606 17.08 28.29 -6.55
N ILE A 607 15.99 28.09 -5.84
CA ILE A 607 15.42 29.12 -4.94
C ILE A 607 15.70 28.64 -3.51
N ASP A 608 16.54 29.36 -2.77
CA ASP A 608 16.91 28.95 -1.40
C ASP A 608 16.26 29.86 -0.36
N VAL A 609 15.12 30.48 -0.66
CA VAL A 609 14.28 31.13 0.40
C VAL A 609 14.06 30.10 1.52
N PRO A 610 14.26 30.47 2.80
CA PRO A 610 14.03 29.53 3.90
C PRO A 610 12.59 29.02 3.90
N CYS A 611 12.42 27.69 4.01
CA CYS A 611 11.11 26.99 4.04
C CYS A 611 10.99 26.29 5.38
N ARG A 612 9.78 26.33 5.94
CA ARG A 612 9.38 25.61 7.17
C ARG A 612 8.10 24.80 6.89
N ASP A 613 8.04 23.61 7.46
CA ASP A 613 6.95 22.63 7.19
C ASP A 613 6.13 22.53 8.48
N VAL A 614 5.04 23.28 8.55
CA VAL A 614 4.15 23.23 9.72
C VAL A 614 3.00 22.27 9.40
N GLY A 615 2.85 21.24 10.21
CA GLY A 615 1.80 20.25 9.95
C GLY A 615 1.79 19.25 11.06
N LEU A 616 1.34 18.03 10.79
CA LEU A 616 1.29 16.98 11.82
C LEU A 616 2.66 16.35 11.96
N PRO A 617 3.26 16.30 13.17
CA PRO A 617 4.45 15.48 13.38
C PRO A 617 4.14 14.04 12.98
N GLN A 618 5.17 13.35 12.48
CA GLN A 618 5.03 12.00 11.89
C GLN A 618 4.88 11.00 13.04
N GLU A 619 3.69 10.97 13.62
CA GLU A 619 3.35 10.16 14.82
C GLU A 619 1.94 9.62 14.70
N PHE A 620 1.68 8.51 15.38
CA PHE A 620 0.34 7.97 15.64
C PHE A 620 -0.26 8.73 16.83
N TYR A 621 -1.47 9.26 16.69
CA TYR A 621 -2.18 10.03 17.73
C TYR A 621 -3.28 9.18 18.36
N GLU A 622 -3.36 9.22 19.69
CA GLU A 622 -4.45 8.58 20.44
C GLU A 622 -5.73 9.35 20.12
N HIS A 623 -6.87 8.76 20.44
CA HIS A 623 -8.22 9.29 20.14
C HIS A 623 -8.47 10.54 20.99
N ALA A 624 -9.14 11.52 20.39
CA ALA A 624 -9.59 12.80 20.98
C ALA A 624 -10.35 13.51 19.87
N SER A 625 -11.03 14.62 20.15
CA SER A 625 -11.70 15.38 19.06
C SER A 625 -10.60 15.92 18.15
N ARG A 626 -10.94 16.16 16.89
CA ARG A 626 -10.04 16.82 15.92
C ARG A 626 -9.45 18.08 16.54
N SER A 627 -10.30 18.91 17.14
CA SER A 627 -9.91 20.23 17.66
C SER A 627 -8.92 20.05 18.83
N GLU A 628 -9.06 18.99 19.63
CA GLU A 628 -8.15 18.71 20.77
C GLU A 628 -6.80 18.21 20.22
N VAL A 629 -6.81 17.36 19.19
CA VAL A 629 -5.53 16.84 18.60
C VAL A 629 -4.77 18.07 18.07
N LEU A 630 -5.45 18.93 17.30
CA LEU A 630 -4.78 20.08 16.66
C LEU A 630 -4.27 21.04 17.75
N ALA A 631 -5.04 21.30 18.82
CA ALA A 631 -4.61 22.20 19.92
C ALA A 631 -3.39 21.63 20.63
N ASP A 632 -3.36 20.31 20.90
CA ASP A 632 -2.23 19.64 21.61
C ASP A 632 -0.94 19.68 20.77
N LEU A 633 -1.05 19.78 19.46
CA LEU A 633 0.10 19.86 18.52
C LEU A 633 0.48 21.32 18.28
N GLY A 634 -0.30 22.28 18.73
CA GLY A 634 -0.05 23.71 18.45
C GLY A 634 -0.41 24.11 17.03
N LEU A 635 -1.31 23.34 16.39
CA LEU A 635 -1.90 23.73 15.09
C LEU A 635 -3.15 24.57 15.36
N THR A 636 -2.90 25.78 15.86
CA THR A 636 -3.90 26.84 16.16
C THR A 636 -3.33 28.12 15.56
N ASP A 637 -4.17 29.09 15.22
CA ASP A 637 -3.67 30.38 14.67
C ASP A 637 -2.76 31.07 15.71
N GLN A 638 -3.04 30.93 17.02
CA GLN A 638 -2.20 31.60 18.05
C GLN A 638 -0.80 30.97 18.07
N ASP A 639 -0.69 29.63 18.07
CA ASP A 639 0.61 28.93 18.24
C ASP A 639 1.44 29.06 16.96
N VAL A 640 0.79 28.94 15.80
CA VAL A 640 1.45 29.06 14.48
C VAL A 640 1.94 30.51 14.31
N ALA A 641 1.14 31.52 14.64
CA ALA A 641 1.61 32.93 14.54
C ALA A 641 2.84 33.13 15.45
N ARG A 642 2.80 32.58 16.67
CA ARG A 642 3.91 32.73 17.65
C ARG A 642 5.18 32.12 17.03
N ARG A 643 5.06 30.95 16.41
CA ARG A 643 6.21 30.22 15.80
C ARG A 643 6.80 31.05 14.67
N ILE A 644 5.95 31.55 13.77
CA ILE A 644 6.40 32.28 12.55
C ILE A 644 7.07 33.61 12.97
N THR A 645 6.55 34.28 14.01
CA THR A 645 7.19 35.47 14.63
C THR A 645 8.65 35.15 14.99
N GLY A 646 8.90 34.03 15.65
CA GLY A 646 10.25 33.60 16.09
C GLY A 646 11.15 33.40 14.89
N TRP A 647 10.67 32.74 13.85
CA TRP A 647 11.41 32.53 12.58
C TRP A 647 11.72 33.87 11.91
N VAL A 648 10.75 34.80 11.86
CA VAL A 648 10.98 36.09 11.17
C VAL A 648 12.02 36.89 11.99
N ALA A 649 11.91 36.87 13.32
CA ALA A 649 12.90 37.53 14.22
C ALA A 649 14.30 36.97 13.94
N ALA A 650 14.45 35.65 13.82
CA ALA A 650 15.75 34.99 13.53
C ALA A 650 16.21 35.34 12.11
N LEU A 651 15.28 35.76 11.24
CA LEU A 651 15.62 36.41 9.96
C LEU A 651 15.68 35.42 8.84
N GLY B 28 9.52 -23.64 -40.84
CA GLY B 28 9.79 -22.17 -40.67
C GLY B 28 8.51 -21.36 -40.74
N MET B 29 7.46 -21.87 -40.11
CA MET B 29 6.12 -21.23 -40.10
C MET B 29 6.11 -20.02 -39.15
N LEU B 30 6.84 -20.12 -38.04
CA LEU B 30 6.81 -19.07 -36.99
C LEU B 30 7.05 -17.70 -37.64
N GLN B 31 8.10 -17.55 -38.45
CA GLN B 31 8.42 -16.28 -39.17
C GLN B 31 7.26 -15.87 -40.10
N GLN B 32 6.38 -16.78 -40.52
CA GLN B 32 5.24 -16.47 -41.44
C GLN B 32 3.89 -16.40 -40.67
N ILE B 33 3.92 -16.26 -39.33
CA ILE B 33 2.73 -15.94 -38.50
C ILE B 33 2.63 -14.43 -38.39
N ARG B 34 1.63 -13.81 -39.02
CA ARG B 34 1.46 -12.34 -38.98
C ARG B 34 0.69 -11.93 -37.73
N GLY B 35 -0.18 -12.81 -37.27
CA GLY B 35 -1.01 -12.57 -36.08
C GLY B 35 -1.86 -13.81 -35.82
N PRO B 36 -2.73 -13.76 -34.80
CA PRO B 36 -3.44 -14.96 -34.34
C PRO B 36 -4.24 -15.71 -35.41
N ALA B 37 -4.86 -14.99 -36.35
CA ALA B 37 -5.71 -15.59 -37.39
C ALA B 37 -4.89 -16.56 -38.25
N ASP B 38 -3.57 -16.39 -38.34
CA ASP B 38 -2.72 -17.33 -39.12
C ASP B 38 -2.71 -18.73 -38.50
N LEU B 39 -3.14 -18.89 -37.24
CA LEU B 39 -3.29 -20.24 -36.62
C LEU B 39 -4.61 -20.92 -37.02
N GLN B 40 -5.58 -20.13 -37.50
CA GLN B 40 -7.02 -20.51 -37.54
C GLN B 40 -7.23 -21.74 -38.40
N HIS B 41 -6.48 -21.93 -39.48
CA HIS B 41 -6.73 -23.05 -40.44
C HIS B 41 -5.62 -24.11 -40.35
N LEU B 42 -4.74 -24.03 -39.35
CA LEU B 42 -3.64 -25.01 -39.21
C LEU B 42 -4.21 -26.34 -38.78
N SER B 43 -3.59 -27.42 -39.26
CA SER B 43 -3.90 -28.80 -38.81
C SER B 43 -3.32 -28.97 -37.42
N GLN B 44 -3.76 -29.99 -36.68
CA GLN B 44 -3.17 -30.32 -35.37
C GLN B 44 -1.67 -30.66 -35.54
N ALA B 45 -1.29 -31.38 -36.60
CA ALA B 45 0.14 -31.68 -36.93
C ALA B 45 0.93 -30.37 -37.10
N GLN B 46 0.36 -29.38 -37.78
CA GLN B 46 1.04 -28.08 -38.01
C GLN B 46 1.22 -27.35 -36.67
N LEU B 47 0.22 -27.38 -35.80
CA LEU B 47 0.28 -26.78 -34.45
C LEU B 47 1.37 -27.45 -33.61
N ARG B 48 1.57 -28.76 -33.76
CA ARG B 48 2.59 -29.51 -33.00
C ARG B 48 3.98 -29.09 -33.54
N GLU B 49 4.13 -28.91 -34.84
CA GLU B 49 5.36 -28.39 -35.49
C GLU B 49 5.64 -26.97 -35.00
N LEU B 50 4.62 -26.13 -34.97
CA LEU B 50 4.78 -24.71 -34.58
C LEU B 50 5.22 -24.63 -33.11
N ALA B 51 4.63 -25.42 -32.24
CA ALA B 51 5.00 -25.46 -30.80
C ALA B 51 6.48 -25.85 -30.65
N ALA B 52 6.96 -26.83 -31.42
CA ALA B 52 8.38 -27.23 -31.41
C ALA B 52 9.27 -26.06 -31.91
N GLU B 53 8.85 -25.36 -32.97
CA GLU B 53 9.61 -24.21 -33.48
C GLU B 53 9.61 -23.10 -32.41
N ILE B 54 8.50 -22.89 -31.71
CA ILE B 54 8.41 -21.84 -30.68
C ILE B 54 9.36 -22.19 -29.54
N ARG B 55 9.39 -23.45 -29.09
CA ARG B 55 10.31 -23.91 -28.01
C ARG B 55 11.77 -23.68 -28.43
N GLU B 56 12.17 -23.98 -29.66
CA GLU B 56 13.59 -23.79 -30.12
C GLU B 56 13.91 -22.28 -30.14
N PHE B 57 12.97 -21.48 -30.63
CA PHE B 57 13.09 -20.00 -30.72
C PHE B 57 13.26 -19.43 -29.30
N LEU B 58 12.44 -19.88 -28.36
CA LEU B 58 12.51 -19.40 -26.95
C LEU B 58 13.90 -19.68 -26.39
N ILE B 59 14.40 -20.90 -26.55
CA ILE B 59 15.72 -21.30 -25.99
C ILE B 59 16.77 -20.41 -26.66
N HIS B 60 16.71 -20.26 -27.98
CA HIS B 60 17.66 -19.39 -28.74
C HIS B 60 17.67 -17.97 -28.17
N LYS B 61 16.51 -17.40 -27.85
CA LYS B 61 16.34 -15.93 -27.64
C LYS B 61 16.34 -15.59 -26.16
N VAL B 62 16.02 -16.52 -25.28
CA VAL B 62 15.80 -16.27 -23.82
C VAL B 62 16.75 -17.15 -23.03
N GLY B 67 15.68 -13.07 -19.37
CA GLY B 67 14.25 -13.35 -19.63
C GLY B 67 13.78 -14.63 -18.93
N HIS B 68 12.47 -14.87 -18.93
CA HIS B 68 11.81 -15.96 -18.15
C HIS B 68 11.52 -17.14 -19.06
N LEU B 69 12.51 -17.98 -19.29
CA LEU B 69 12.42 -19.11 -20.25
C LEU B 69 11.44 -20.16 -19.75
N GLY B 70 11.62 -20.66 -18.52
CA GLY B 70 10.79 -21.75 -17.98
C GLY B 70 9.31 -21.42 -18.09
N PRO B 71 8.87 -20.26 -17.56
CA PRO B 71 7.45 -19.91 -17.62
C PRO B 71 6.88 -19.85 -19.04
N ASN B 72 7.68 -19.43 -20.03
CA ASN B 72 7.25 -19.30 -21.44
C ASN B 72 7.16 -20.67 -22.08
N LEU B 73 8.15 -21.55 -21.87
CA LEU B 73 8.08 -22.94 -22.36
C LEU B 73 6.83 -23.63 -21.82
N GLY B 74 6.41 -23.31 -20.59
CA GLY B 74 5.23 -23.90 -19.96
C GLY B 74 3.91 -23.49 -20.63
N VAL B 75 3.87 -22.40 -21.40
CA VAL B 75 2.58 -21.85 -21.90
C VAL B 75 2.55 -21.86 -23.43
N VAL B 76 3.37 -22.67 -24.10
CA VAL B 76 3.38 -22.73 -25.57
C VAL B 76 2.00 -23.23 -26.04
N GLU B 77 1.54 -24.38 -25.57
CA GLU B 77 0.26 -24.96 -26.05
C GLU B 77 -0.91 -24.10 -25.54
N LEU B 78 -0.83 -23.60 -24.30
CA LEU B 78 -1.89 -22.76 -23.71
C LEU B 78 -2.05 -21.51 -24.58
N THR B 79 -0.95 -20.90 -25.02
CA THR B 79 -1.00 -19.61 -25.74
C THR B 79 -1.52 -19.85 -27.16
N LEU B 80 -1.06 -20.92 -27.81
CA LEU B 80 -1.62 -21.36 -29.10
C LEU B 80 -3.13 -21.52 -28.94
N ALA B 81 -3.57 -22.24 -27.92
CA ALA B 81 -5.01 -22.52 -27.70
C ALA B 81 -5.78 -21.22 -27.45
N LEU B 82 -5.24 -20.29 -26.65
CA LEU B 82 -5.94 -18.99 -26.40
C LEU B 82 -6.20 -18.29 -27.74
N HIS B 83 -5.19 -18.22 -28.61
CA HIS B 83 -5.26 -17.45 -29.87
C HIS B 83 -5.96 -18.29 -30.95
N ARG B 84 -6.32 -19.54 -30.64
CA ARG B 84 -7.16 -20.36 -31.53
C ARG B 84 -8.65 -20.18 -31.17
N VAL B 85 -8.95 -19.66 -29.98
CA VAL B 85 -10.35 -19.64 -29.44
C VAL B 85 -10.83 -18.21 -29.32
N PHE B 86 -10.00 -17.31 -28.83
CA PHE B 86 -10.37 -15.91 -28.53
C PHE B 86 -9.89 -15.01 -29.67
N ASP B 87 -10.62 -13.91 -29.85
CA ASP B 87 -10.41 -12.92 -30.94
C ASP B 87 -9.78 -11.67 -30.34
N SER B 88 -8.50 -11.73 -30.02
CA SER B 88 -7.72 -10.58 -29.47
C SER B 88 -7.66 -9.50 -30.54
N PRO B 89 -7.82 -8.19 -30.22
CA PRO B 89 -8.10 -7.71 -28.86
C PRO B 89 -9.59 -7.44 -28.52
N HIS B 90 -10.52 -7.77 -29.41
CA HIS B 90 -11.99 -7.81 -29.13
C HIS B 90 -12.20 -8.62 -27.83
N ASP B 91 -11.55 -9.78 -27.74
CA ASP B 91 -11.40 -10.57 -26.49
C ASP B 91 -10.03 -10.21 -25.89
N PRO B 92 -9.97 -9.30 -24.90
CA PRO B 92 -8.71 -8.95 -24.24
C PRO B 92 -8.11 -10.18 -23.56
N ILE B 93 -6.85 -10.44 -23.86
CA ILE B 93 -6.09 -11.53 -23.21
C ILE B 93 -5.08 -10.88 -22.27
N ILE B 94 -5.34 -10.97 -20.97
CA ILE B 94 -4.54 -10.23 -19.95
C ILE B 94 -3.73 -11.26 -19.21
N PHE B 95 -2.41 -11.20 -19.37
CA PHE B 95 -1.46 -12.03 -18.60
C PHE B 95 -1.20 -11.39 -17.25
N ASP B 96 -1.48 -12.16 -16.20
CA ASP B 96 -1.09 -11.80 -14.83
C ASP B 96 0.43 -11.84 -14.77
N THR B 97 1.05 -10.77 -14.28
CA THR B 97 2.53 -10.64 -14.11
C THR B 97 3.17 -10.32 -15.46
N GLY B 98 2.91 -11.13 -16.49
CA GLY B 98 3.20 -10.76 -17.88
C GLY B 98 4.56 -11.24 -18.33
N HIS B 99 5.28 -11.94 -17.46
CA HIS B 99 6.61 -12.51 -17.78
C HIS B 99 6.49 -13.71 -18.72
N GLN B 100 5.30 -14.29 -18.81
CA GLN B 100 5.02 -15.52 -19.59
C GLN B 100 4.27 -15.16 -20.89
N ALA B 101 4.40 -13.93 -21.37
CA ALA B 101 3.68 -13.46 -22.58
C ALA B 101 4.58 -13.46 -23.82
N TYR B 102 5.74 -14.13 -23.79
CA TYR B 102 6.63 -14.11 -24.98
C TYR B 102 5.95 -14.84 -26.14
N VAL B 103 5.32 -15.96 -25.85
CA VAL B 103 4.64 -16.72 -26.94
C VAL B 103 3.52 -15.85 -27.52
N HIS B 104 2.78 -15.16 -26.66
CA HIS B 104 1.76 -14.16 -27.06
C HIS B 104 2.39 -13.16 -28.03
N LYS B 105 3.57 -12.62 -27.70
CA LYS B 105 4.21 -11.62 -28.59
C LYS B 105 4.56 -12.28 -29.93
N MET B 106 5.06 -13.50 -29.90
CA MET B 106 5.51 -14.20 -31.14
C MET B 106 4.27 -14.45 -32.02
N LEU B 107 3.09 -14.67 -31.43
CA LEU B 107 1.84 -14.93 -32.20
C LEU B 107 1.08 -13.64 -32.58
N THR B 108 1.60 -12.49 -32.18
CA THR B 108 0.96 -11.17 -32.49
C THR B 108 1.95 -10.31 -33.26
N GLY B 109 2.80 -10.94 -34.08
CA GLY B 109 3.60 -10.21 -35.09
C GLY B 109 4.93 -9.73 -34.57
N ARG B 110 5.41 -10.21 -33.42
CA ARG B 110 6.64 -9.64 -32.84
C ARG B 110 7.77 -10.67 -32.76
N SER B 111 7.69 -11.80 -33.46
CA SER B 111 8.75 -12.85 -33.32
C SER B 111 10.11 -12.28 -33.77
N GLN B 112 10.14 -11.46 -34.82
CA GLN B 112 11.39 -10.90 -35.40
C GLN B 112 12.03 -9.87 -34.46
N ASP B 113 11.29 -9.36 -33.46
CA ASP B 113 11.78 -8.33 -32.49
C ASP B 113 12.57 -8.97 -31.35
N PHE B 114 12.58 -10.30 -31.22
CA PHE B 114 13.23 -10.97 -30.07
C PHE B 114 14.74 -10.77 -30.12
N ALA B 115 15.30 -10.33 -31.25
CA ALA B 115 16.73 -9.96 -31.34
C ALA B 115 17.03 -8.88 -30.29
N THR B 116 16.05 -8.02 -29.96
CA THR B 116 16.24 -6.83 -29.11
C THR B 116 15.62 -7.02 -27.72
N LEU B 117 15.27 -8.26 -27.33
CA LEU B 117 14.52 -8.52 -26.07
C LEU B 117 15.24 -7.91 -24.86
N ARG B 118 14.55 -7.06 -24.11
CA ARG B 118 15.00 -6.47 -22.83
C ARG B 118 16.25 -5.61 -23.03
N LYS B 119 16.51 -5.16 -24.27
CA LYS B 119 17.59 -4.18 -24.59
C LYS B 119 16.95 -2.79 -24.75
N LYS B 120 17.69 -1.76 -24.39
CA LYS B 120 17.24 -0.36 -24.51
C LYS B 120 16.70 -0.11 -25.91
N GLY B 121 15.47 0.40 -26.02
CA GLY B 121 14.78 0.69 -27.29
C GLY B 121 14.31 -0.58 -27.97
N GLY B 122 14.40 -1.73 -27.30
CA GLY B 122 14.01 -3.02 -27.88
C GLY B 122 12.74 -3.57 -27.28
N LEU B 123 12.45 -4.84 -27.57
CA LEU B 123 11.23 -5.51 -27.08
C LEU B 123 11.25 -5.55 -25.54
N SER B 124 10.14 -5.15 -24.91
CA SER B 124 9.94 -5.25 -23.44
C SER B 124 9.90 -6.71 -23.03
N GLY B 125 10.36 -7.00 -21.81
CA GLY B 125 10.16 -8.31 -21.15
C GLY B 125 8.72 -8.51 -20.71
N TYR B 126 7.88 -7.47 -20.76
CA TYR B 126 6.44 -7.49 -20.37
C TYR B 126 5.57 -6.97 -21.51
N PRO B 127 4.25 -7.30 -21.52
CA PRO B 127 3.33 -6.71 -22.49
C PRO B 127 3.49 -5.19 -22.45
N SER B 128 3.27 -4.58 -23.61
CA SER B 128 3.44 -3.12 -23.89
C SER B 128 2.37 -2.65 -24.88
N ARG B 129 1.53 -1.74 -24.41
CA ARG B 129 0.44 -1.06 -25.17
C ARG B 129 1.08 -0.28 -26.33
N ALA B 130 2.26 0.26 -26.13
CA ALA B 130 3.04 0.92 -27.21
C ALA B 130 3.43 -0.10 -28.31
N GLU B 131 3.65 -1.37 -27.98
CA GLU B 131 4.11 -2.38 -28.97
C GLU B 131 2.95 -2.96 -29.76
N SER B 132 1.78 -3.15 -29.16
CA SER B 132 0.71 -3.99 -29.74
C SER B 132 -0.67 -3.62 -29.19
N GLU B 133 -1.67 -3.60 -30.07
CA GLU B 133 -3.12 -3.52 -29.76
C GLU B 133 -3.52 -4.75 -28.93
N HIS B 134 -2.70 -5.81 -28.93
CA HIS B 134 -2.99 -7.09 -28.24
C HIS B 134 -2.53 -7.07 -26.78
N ASP B 135 -1.85 -6.01 -26.37
CA ASP B 135 -1.21 -5.89 -25.04
C ASP B 135 -2.00 -4.86 -24.22
N TRP B 136 -2.29 -5.17 -22.97
CA TRP B 136 -3.16 -4.31 -22.10
C TRP B 136 -2.39 -3.79 -20.89
N VAL B 137 -1.73 -4.68 -20.18
CA VAL B 137 -1.15 -4.43 -18.83
C VAL B 137 0.37 -4.59 -18.93
N GLU B 138 1.12 -3.56 -18.55
CA GLU B 138 2.60 -3.50 -18.57
C GLU B 138 3.17 -3.77 -17.17
N SER B 139 2.33 -3.74 -16.12
CA SER B 139 2.80 -3.97 -14.73
C SER B 139 3.22 -5.43 -14.53
N SER B 140 4.39 -5.65 -13.97
CA SER B 140 4.91 -7.00 -13.61
C SER B 140 4.39 -7.41 -12.24
N HIS B 141 3.73 -6.53 -11.51
CA HIS B 141 3.26 -6.85 -10.14
C HIS B 141 2.10 -7.85 -10.28
N ALA B 142 2.30 -9.03 -9.70
CA ALA B 142 1.41 -10.21 -9.85
C ALA B 142 0.04 -9.96 -9.22
N SER B 143 -0.97 -10.72 -9.69
CA SER B 143 -2.28 -10.97 -9.05
C SER B 143 -3.27 -9.89 -9.46
N ALA B 144 -2.92 -8.96 -10.38
CA ALA B 144 -3.76 -7.81 -10.74
C ALA B 144 -4.67 -8.12 -11.93
N ALA B 145 -4.36 -9.15 -12.73
CA ALA B 145 -5.06 -9.40 -14.01
C ALA B 145 -6.58 -9.46 -13.81
N LEU B 146 -7.09 -10.22 -12.83
CA LEU B 146 -8.54 -10.41 -12.63
C LEU B 146 -9.21 -9.08 -12.28
N SER B 147 -8.52 -8.19 -11.58
CA SER B 147 -9.09 -6.88 -11.22
C SER B 147 -9.24 -6.02 -12.48
N TYR B 148 -8.22 -6.01 -13.34
CA TYR B 148 -8.32 -5.30 -14.64
C TYR B 148 -9.48 -5.89 -15.42
N ALA B 149 -9.57 -7.23 -15.42
CA ALA B 149 -10.59 -7.98 -16.18
C ALA B 149 -11.98 -7.53 -15.73
N ASP B 150 -12.22 -7.44 -14.42
CA ASP B 150 -13.51 -6.94 -13.85
C ASP B 150 -13.83 -5.54 -14.39
N GLY B 151 -12.86 -4.62 -14.33
CA GLY B 151 -13.08 -3.24 -14.76
C GLY B 151 -13.35 -3.16 -16.26
N LEU B 152 -12.64 -3.94 -17.07
CA LEU B 152 -12.79 -3.91 -18.55
C LEU B 152 -14.16 -4.47 -18.88
N ALA B 153 -14.55 -5.58 -18.24
CA ALA B 153 -15.86 -6.22 -18.47
C ALA B 153 -16.96 -5.20 -18.14
N LYS B 154 -16.81 -4.47 -17.04
CA LYS B 154 -17.75 -3.41 -16.63
C LYS B 154 -17.78 -2.29 -17.69
N ALA B 155 -16.63 -1.87 -18.20
CA ALA B 155 -16.53 -0.81 -19.22
C ALA B 155 -17.29 -1.26 -20.50
N PHE B 156 -17.12 -2.50 -20.93
CA PHE B 156 -17.74 -3.02 -22.19
C PHE B 156 -19.27 -2.97 -22.02
N GLU B 157 -19.76 -3.34 -20.85
CA GLU B 157 -21.22 -3.29 -20.53
C GLU B 157 -21.70 -1.84 -20.59
N LEU B 158 -20.96 -0.93 -19.96
CA LEU B 158 -21.35 0.49 -19.85
C LEU B 158 -21.28 1.18 -21.22
N THR B 159 -20.40 0.77 -22.11
CA THR B 159 -20.25 1.35 -23.47
C THR B 159 -21.03 0.54 -24.49
N GLY B 160 -21.64 -0.58 -24.10
CA GLY B 160 -22.45 -1.39 -25.01
C GLY B 160 -21.64 -2.09 -26.07
N HIS B 161 -20.36 -2.36 -25.84
CA HIS B 161 -19.56 -3.23 -26.73
C HIS B 161 -20.10 -4.65 -26.64
N ARG B 162 -20.52 -5.23 -27.78
CA ARG B 162 -21.08 -6.58 -27.81
C ARG B 162 -19.98 -7.64 -27.76
N ASN B 163 -20.16 -8.63 -26.90
CA ASN B 163 -19.57 -9.98 -27.01
C ASN B 163 -18.05 -9.89 -26.88
N ARG B 164 -17.55 -9.06 -25.97
CA ARG B 164 -16.12 -9.00 -25.62
C ARG B 164 -15.91 -9.92 -24.41
N HIS B 165 -15.11 -10.97 -24.57
CA HIS B 165 -14.83 -11.94 -23.49
C HIS B 165 -13.45 -11.59 -22.93
N VAL B 166 -13.39 -11.13 -21.69
CA VAL B 166 -12.08 -10.83 -21.08
C VAL B 166 -11.48 -12.12 -20.54
N VAL B 167 -10.27 -12.43 -20.96
CA VAL B 167 -9.54 -13.65 -20.51
C VAL B 167 -8.37 -13.20 -19.63
N ALA B 168 -8.35 -13.66 -18.39
CA ALA B 168 -7.22 -13.41 -17.46
C ALA B 168 -6.42 -14.70 -17.33
N VAL B 169 -5.15 -14.65 -17.69
CA VAL B 169 -4.26 -15.84 -17.57
C VAL B 169 -3.50 -15.67 -16.25
N VAL B 170 -3.86 -16.48 -15.25
CA VAL B 170 -3.36 -16.31 -13.85
C VAL B 170 -2.57 -17.55 -13.44
N GLY B 171 -1.31 -17.36 -13.07
CA GLY B 171 -0.49 -18.47 -12.60
C GLY B 171 -0.98 -18.91 -11.24
N ASP B 172 -0.66 -20.14 -10.85
CA ASP B 172 -0.99 -20.68 -9.50
C ASP B 172 -0.33 -19.80 -8.42
N GLY B 173 0.89 -19.33 -8.64
CA GLY B 173 1.54 -18.36 -7.73
C GLY B 173 0.72 -17.08 -7.59
N ALA B 174 0.39 -16.47 -8.72
CA ALA B 174 -0.36 -15.20 -8.76
C ALA B 174 -1.69 -15.39 -8.02
N LEU B 175 -2.25 -16.58 -8.09
CA LEU B 175 -3.58 -16.88 -7.51
C LEU B 175 -3.50 -16.91 -5.97
N THR B 176 -2.32 -16.93 -5.36
CA THR B 176 -2.15 -16.88 -3.87
C THR B 176 -2.23 -15.43 -3.37
N GLY B 177 -2.31 -14.46 -4.27
CA GLY B 177 -2.42 -13.05 -3.92
C GLY B 177 -3.85 -12.63 -3.60
N GLY B 178 -3.99 -11.77 -2.61
CA GLY B 178 -5.29 -11.27 -2.14
C GLY B 178 -6.08 -10.58 -3.22
N MET B 179 -5.44 -9.89 -4.15
CA MET B 179 -6.19 -9.18 -5.23
C MET B 179 -7.11 -10.17 -5.99
N CYS B 180 -6.69 -11.41 -6.20
CA CYS B 180 -7.47 -12.42 -6.96
C CYS B 180 -8.77 -12.72 -6.22
N TRP B 181 -8.72 -12.79 -4.90
CA TRP B 181 -9.94 -13.06 -4.09
C TRP B 181 -10.92 -11.87 -4.19
N GLU B 182 -10.42 -10.64 -4.08
CA GLU B 182 -11.25 -9.42 -4.24
C GLU B 182 -11.88 -9.44 -5.64
N ALA B 183 -11.09 -9.72 -6.69
CA ALA B 183 -11.56 -9.73 -8.09
C ALA B 183 -12.59 -10.85 -8.28
N LEU B 184 -12.32 -12.07 -7.79
CA LEU B 184 -13.21 -13.21 -8.03
C LEU B 184 -14.55 -12.95 -7.35
N ASN B 185 -14.52 -12.41 -6.13
CA ASN B 185 -15.75 -12.07 -5.40
C ASN B 185 -16.63 -11.11 -6.23
N ASN B 186 -16.00 -10.11 -6.84
CA ASN B 186 -16.68 -9.11 -7.69
C ASN B 186 -17.13 -9.77 -9.00
N ILE B 187 -16.30 -10.61 -9.61
CA ILE B 187 -16.62 -11.22 -10.93
C ILE B 187 -17.81 -12.18 -10.74
N ALA B 188 -17.79 -12.93 -9.64
CA ALA B 188 -18.82 -13.94 -9.29
C ALA B 188 -20.19 -13.29 -9.10
N ALA B 189 -20.26 -11.98 -8.83
CA ALA B 189 -21.53 -11.27 -8.58
C ALA B 189 -22.22 -10.92 -9.91
N SER B 190 -21.61 -11.21 -11.05
CA SER B 190 -22.13 -10.72 -12.36
C SER B 190 -22.09 -11.82 -13.40
N ARG B 191 -22.92 -11.71 -14.44
CA ARG B 191 -22.91 -12.61 -15.63
C ARG B 191 -21.92 -12.10 -16.67
N ARG B 192 -21.32 -10.92 -16.48
CA ARG B 192 -20.32 -10.38 -17.43
C ARG B 192 -19.27 -11.46 -17.65
N PRO B 193 -18.96 -11.81 -18.92
CA PRO B 193 -18.07 -12.95 -19.19
C PRO B 193 -16.61 -12.57 -18.95
N VAL B 194 -16.07 -13.15 -17.88
CA VAL B 194 -14.62 -13.15 -17.61
C VAL B 194 -14.21 -14.61 -17.60
N ILE B 195 -13.23 -14.98 -18.41
CA ILE B 195 -12.72 -16.38 -18.42
C ILE B 195 -11.46 -16.35 -17.59
N ILE B 196 -11.47 -17.08 -16.48
CA ILE B 196 -10.31 -17.16 -15.54
C ILE B 196 -9.50 -18.40 -15.93
N VAL B 197 -8.40 -18.21 -16.62
CA VAL B 197 -7.54 -19.34 -17.07
C VAL B 197 -6.43 -19.49 -16.04
N VAL B 198 -6.51 -20.52 -15.21
CA VAL B 198 -5.49 -20.78 -14.18
C VAL B 198 -4.39 -21.64 -14.79
N ASN B 199 -3.21 -21.07 -14.89
CA ASN B 199 -2.00 -21.71 -15.45
C ASN B 199 -1.24 -22.32 -14.29
N ASP B 200 -1.61 -23.55 -13.93
CA ASP B 200 -1.10 -24.23 -12.71
C ASP B 200 0.11 -25.12 -13.06
N ASN B 201 1.31 -24.67 -12.72
CA ASN B 201 2.52 -25.52 -12.88
C ASN B 201 3.05 -25.89 -11.48
N GLY B 202 2.21 -25.75 -10.46
CA GLY B 202 2.61 -26.00 -9.06
C GLY B 202 2.40 -27.46 -8.66
N ARG B 203 1.90 -28.31 -9.56
CA ARG B 203 1.58 -29.74 -9.29
C ARG B 203 1.81 -30.58 -10.55
N GLY B 261 3.71 -24.48 -5.21
CA GLY B 261 3.72 -23.09 -4.72
C GLY B 261 2.51 -22.27 -5.16
N GLY B 262 1.38 -22.93 -5.44
CA GLY B 262 0.07 -22.29 -5.70
C GLY B 262 -0.82 -22.38 -4.46
N PRO B 263 -2.14 -22.12 -4.57
CA PRO B 263 -3.02 -22.13 -3.39
C PRO B 263 -3.08 -23.49 -2.68
N GLN B 264 -3.06 -23.46 -1.34
CA GLN B 264 -3.46 -24.58 -0.46
C GLN B 264 -4.98 -24.78 -0.51
N LEU B 265 -5.74 -23.71 -0.77
CA LEU B 265 -7.22 -23.71 -0.81
C LEU B 265 -7.73 -24.23 -2.17
N LEU B 266 -8.92 -24.87 -2.15
CA LEU B 266 -9.69 -25.30 -3.34
C LEU B 266 -10.36 -24.10 -4.03
N PHE B 267 -10.28 -24.02 -5.36
CA PHE B 267 -11.04 -23.05 -6.20
C PHE B 267 -12.03 -23.82 -7.09
N THR B 268 -12.25 -25.12 -6.81
CA THR B 268 -13.17 -26.03 -7.55
C THR B 268 -14.64 -25.74 -7.16
N ASP B 269 -14.92 -25.07 -6.03
CA ASP B 269 -16.31 -24.90 -5.52
C ASP B 269 -16.48 -23.54 -4.81
N LEU B 270 -16.24 -22.43 -5.53
CA LEU B 270 -16.38 -21.04 -5.02
C LEU B 270 -17.73 -20.43 -5.44
N GLY B 271 -18.55 -21.18 -6.19
CA GLY B 271 -19.80 -20.69 -6.81
C GLY B 271 -19.60 -20.40 -8.29
N LEU B 272 -18.35 -20.40 -8.77
CA LEU B 272 -17.99 -20.21 -10.19
C LEU B 272 -17.89 -21.57 -10.88
N LYS B 273 -18.44 -21.67 -12.08
CA LYS B 273 -18.27 -22.79 -13.03
C LYS B 273 -16.77 -23.10 -13.15
N TYR B 274 -16.41 -24.37 -12.99
CA TYR B 274 -15.02 -24.90 -12.99
C TYR B 274 -14.90 -25.95 -14.08
N VAL B 275 -13.93 -25.77 -14.98
CA VAL B 275 -13.59 -26.70 -16.09
C VAL B 275 -12.15 -27.18 -15.87
N GLY B 276 -11.93 -28.49 -15.85
CA GLY B 276 -10.58 -29.08 -15.71
C GLY B 276 -10.53 -30.09 -14.58
N PRO B 277 -9.33 -30.45 -14.11
CA PRO B 277 -8.08 -29.94 -14.68
C PRO B 277 -7.86 -30.42 -16.12
N VAL B 278 -7.23 -29.58 -16.92
CA VAL B 278 -6.90 -29.85 -18.35
C VAL B 278 -5.37 -30.03 -18.44
N ASP B 279 -4.96 -30.97 -19.28
CA ASP B 279 -3.55 -31.19 -19.66
C ASP B 279 -3.14 -30.01 -20.54
N GLY B 280 -2.35 -29.10 -19.97
CA GLY B 280 -1.90 -27.85 -20.59
C GLY B 280 -0.90 -28.04 -21.74
N HIS B 281 -0.44 -29.26 -22.01
CA HIS B 281 0.47 -29.57 -23.14
C HIS B 281 -0.26 -30.39 -24.19
N ASP B 282 -1.58 -30.55 -24.03
CA ASP B 282 -2.50 -31.10 -25.05
C ASP B 282 -3.27 -29.91 -25.63
N GLU B 283 -2.71 -29.31 -26.69
CA GLU B 283 -3.26 -28.08 -27.33
C GLU B 283 -4.77 -28.27 -27.61
N ARG B 284 -5.17 -29.42 -28.15
CA ARG B 284 -6.57 -29.68 -28.56
C ARG B 284 -7.48 -29.68 -27.30
N ALA B 285 -7.06 -30.35 -26.21
CA ALA B 285 -7.87 -30.43 -24.98
C ALA B 285 -8.02 -29.01 -24.41
N VAL B 286 -6.95 -28.22 -24.46
CA VAL B 286 -7.04 -26.83 -23.94
C VAL B 286 -8.04 -26.02 -24.79
N GLU B 287 -8.00 -26.11 -26.13
CA GLU B 287 -8.97 -25.38 -26.99
C GLU B 287 -10.38 -25.81 -26.66
N VAL B 288 -10.61 -27.12 -26.49
CA VAL B 288 -11.97 -27.65 -26.19
C VAL B 288 -12.47 -27.00 -24.90
N ALA B 289 -11.64 -26.99 -23.86
CA ALA B 289 -12.02 -26.44 -22.55
C ALA B 289 -12.29 -24.94 -22.71
N LEU B 290 -11.41 -24.23 -23.41
CA LEU B 290 -11.57 -22.75 -23.59
C LEU B 290 -12.86 -22.44 -24.36
N ARG B 291 -13.12 -23.18 -25.46
CA ARG B 291 -14.35 -22.95 -26.28
CA ARG B 291 -14.34 -22.96 -26.29
C ARG B 291 -15.59 -23.17 -25.41
N SER B 292 -15.57 -24.18 -24.54
CA SER B 292 -16.67 -24.43 -23.57
C SER B 292 -16.85 -23.19 -22.68
N ALA B 293 -15.74 -22.63 -22.22
CA ALA B 293 -15.77 -21.43 -21.35
C ALA B 293 -16.31 -20.24 -22.15
N ARG B 294 -15.84 -20.05 -23.38
CA ARG B 294 -16.24 -18.87 -24.20
C ARG B 294 -17.75 -18.91 -24.41
N ARG B 295 -18.31 -20.09 -24.65
CA ARG B 295 -19.76 -20.26 -24.98
C ARG B 295 -20.64 -20.19 -23.73
N PHE B 296 -20.08 -20.30 -22.52
CA PHE B 296 -20.87 -20.45 -21.28
C PHE B 296 -21.72 -19.20 -20.99
N GLY B 297 -21.28 -18.02 -21.40
CA GLY B 297 -22.05 -16.77 -21.23
C GLY B 297 -22.14 -16.32 -19.77
N ALA B 298 -21.12 -16.65 -18.97
CA ALA B 298 -20.96 -16.20 -17.58
C ALA B 298 -19.50 -16.40 -17.20
N PRO B 299 -19.03 -15.89 -16.05
CA PRO B 299 -17.67 -16.16 -15.61
C PRO B 299 -17.40 -17.66 -15.44
N VAL B 300 -16.19 -18.11 -15.78
CA VAL B 300 -15.79 -19.54 -15.77
C VAL B 300 -14.32 -19.62 -15.42
N ILE B 301 -13.95 -20.59 -14.59
CA ILE B 301 -12.54 -20.97 -14.30
C ILE B 301 -12.19 -22.15 -15.21
N VAL B 302 -11.11 -22.01 -15.96
CA VAL B 302 -10.53 -23.11 -16.77
C VAL B 302 -9.18 -23.41 -16.13
N HIS B 303 -9.09 -24.56 -15.46
CA HIS B 303 -7.89 -25.00 -14.71
C HIS B 303 -6.98 -25.82 -15.62
N VAL B 304 -5.83 -25.27 -15.98
CA VAL B 304 -4.89 -25.89 -16.96
C VAL B 304 -3.63 -26.25 -16.18
N VAL B 305 -3.15 -27.47 -16.36
CA VAL B 305 -1.90 -27.90 -15.70
C VAL B 305 -0.77 -27.91 -16.72
N THR B 306 0.29 -27.17 -16.41
CA THR B 306 1.47 -27.01 -17.27
C THR B 306 2.71 -27.42 -16.46
N ARG B 307 3.79 -27.67 -17.17
CA ARG B 307 5.11 -27.97 -16.59
C ARG B 307 6.02 -26.80 -16.91
N LYS B 308 6.53 -26.10 -15.91
CA LYS B 308 7.51 -25.01 -16.13
C LYS B 308 8.74 -25.63 -16.82
N GLY B 309 9.21 -25.03 -17.90
CA GLY B 309 10.40 -25.49 -18.65
C GLY B 309 10.08 -26.63 -19.61
N MET B 310 8.81 -26.96 -19.81
CA MET B 310 8.35 -28.10 -20.65
C MET B 310 9.14 -28.16 -21.97
N GLY B 311 9.65 -29.35 -22.28
CA GLY B 311 10.39 -29.64 -23.51
C GLY B 311 11.86 -29.33 -23.36
N TYR B 312 12.29 -28.80 -22.21
CA TYR B 312 13.69 -28.35 -22.02
C TYR B 312 14.24 -28.66 -20.63
N PRO B 313 14.79 -29.88 -20.40
CA PRO B 313 15.22 -30.34 -19.07
C PRO B 313 16.01 -29.34 -18.21
N PRO B 314 17.06 -28.66 -18.70
CA PRO B 314 17.72 -27.60 -17.92
C PRO B 314 16.78 -26.63 -17.20
N ALA B 315 15.65 -26.24 -17.81
CA ALA B 315 14.64 -25.34 -17.21
C ALA B 315 13.58 -26.17 -16.46
N GLU B 316 13.37 -27.44 -16.78
CA GLU B 316 12.48 -28.34 -16.00
C GLU B 316 13.19 -28.64 -14.67
N PRO B 342 23.29 -12.93 -6.65
CA PRO B 342 24.65 -12.37 -6.76
C PRO B 342 25.21 -11.89 -5.41
N GLY B 343 26.34 -11.13 -5.45
CA GLY B 343 27.19 -10.79 -4.29
C GLY B 343 26.45 -10.09 -3.15
N TRP B 344 25.65 -9.06 -3.41
CA TRP B 344 24.91 -8.34 -2.33
C TRP B 344 23.97 -9.32 -1.63
N THR B 345 23.23 -10.11 -2.39
CA THR B 345 22.26 -11.09 -1.85
C THR B 345 23.00 -12.18 -1.06
N ALA B 346 24.11 -12.71 -1.59
CA ALA B 346 24.98 -13.71 -0.94
C ALA B 346 25.45 -13.18 0.42
N THR B 347 25.82 -11.90 0.49
CA THR B 347 26.29 -11.26 1.74
C THR B 347 25.16 -11.25 2.77
N PHE B 348 23.97 -10.80 2.36
CA PHE B 348 22.76 -10.82 3.22
C PHE B 348 22.53 -12.25 3.74
N SER B 349 22.48 -13.23 2.83
CA SER B 349 22.20 -14.65 3.18
C SER B 349 23.17 -15.12 4.30
N ASP B 350 24.46 -14.92 4.07
CA ASP B 350 25.55 -15.30 4.98
C ASP B 350 25.38 -14.61 6.33
N ALA B 351 25.16 -13.29 6.32
CA ALA B 351 25.03 -12.48 7.56
C ALA B 351 23.82 -12.97 8.37
N LEU B 352 22.68 -13.15 7.72
CA LEU B 352 21.44 -13.56 8.41
C LEU B 352 21.67 -14.91 9.08
N ILE B 353 22.27 -15.86 8.36
CA ILE B 353 22.57 -17.22 8.92
C ILE B 353 23.43 -17.05 10.17
N GLY B 354 24.47 -16.19 10.06
CA GLY B 354 25.42 -15.89 11.15
C GLY B 354 24.73 -15.37 12.39
N TYR B 355 23.80 -14.43 12.23
CA TYR B 355 23.03 -13.87 13.36
C TYR B 355 22.08 -14.92 13.93
N ALA B 356 21.39 -15.67 13.08
CA ALA B 356 20.35 -16.64 13.51
C ALA B 356 21.02 -17.82 14.26
N GLN B 357 22.29 -18.11 13.97
CA GLN B 357 23.06 -19.15 14.69
C GLN B 357 23.11 -18.78 16.18
N LYS B 358 23.19 -17.49 16.50
CA LYS B 358 23.36 -16.97 17.87
C LYS B 358 21.99 -16.71 18.51
N ARG B 359 20.93 -16.62 17.72
CA ARG B 359 19.63 -16.06 18.19
C ARG B 359 18.46 -16.89 17.66
N ARG B 360 17.75 -17.52 18.60
CA ARG B 360 16.63 -18.43 18.32
C ARG B 360 15.37 -17.62 17.98
N ASP B 361 15.34 -16.32 18.27
CA ASP B 361 14.12 -15.49 18.04
C ASP B 361 14.03 -14.99 16.59
N ILE B 362 15.07 -15.20 15.77
CA ILE B 362 15.06 -14.71 14.37
C ILE B 362 14.29 -15.68 13.48
N VAL B 363 13.32 -15.15 12.73
CA VAL B 363 12.55 -15.94 11.74
C VAL B 363 12.62 -15.16 10.43
N ALA B 364 12.62 -15.86 9.30
CA ALA B 364 12.70 -15.25 7.96
C ALA B 364 11.38 -15.50 7.23
N ILE B 365 10.92 -14.49 6.51
CA ILE B 365 9.69 -14.58 5.68
C ILE B 365 10.00 -14.07 4.27
N THR B 366 9.47 -14.79 3.28
CA THR B 366 9.56 -14.41 1.86
C THR B 366 8.15 -14.51 1.27
N ALA B 367 7.86 -13.61 0.33
CA ALA B 367 6.64 -13.71 -0.49
C ALA B 367 7.03 -14.45 -1.78
N ALA B 368 7.17 -15.78 -1.70
CA ALA B 368 7.32 -16.71 -2.83
C ALA B 368 8.69 -16.56 -3.51
N MET B 369 9.71 -16.01 -2.85
CA MET B 369 11.03 -15.84 -3.51
C MET B 369 12.17 -16.27 -2.58
N PRO B 370 12.13 -17.48 -1.98
CA PRO B 370 13.20 -17.90 -1.07
C PRO B 370 14.58 -17.99 -1.75
N GLY B 371 14.67 -18.48 -2.99
CA GLY B 371 15.95 -18.60 -3.70
C GLY B 371 16.57 -17.24 -3.98
N PRO B 372 15.89 -16.38 -4.77
CA PRO B 372 16.42 -15.07 -5.11
C PRO B 372 16.65 -14.08 -3.95
N THR B 373 15.96 -14.21 -2.82
CA THR B 373 16.18 -13.30 -1.65
C THR B 373 17.34 -13.79 -0.78
N GLY B 374 17.88 -14.96 -1.07
CA GLY B 374 18.97 -15.56 -0.27
C GLY B 374 18.47 -16.38 0.90
N LEU B 375 17.17 -16.67 1.00
CA LEU B 375 16.58 -17.34 2.20
C LEU B 375 16.55 -18.86 2.08
N THR B 376 16.85 -19.43 0.90
CA THR B 376 16.90 -20.92 0.76
C THR B 376 18.00 -21.45 1.68
N ALA B 377 19.18 -20.82 1.70
CA ALA B 377 20.32 -21.32 2.51
C ALA B 377 19.94 -21.20 4.00
N PHE B 378 19.19 -20.15 4.36
CA PHE B 378 18.66 -19.94 5.73
C PHE B 378 17.70 -21.10 6.07
N GLY B 379 16.78 -21.43 5.17
CA GLY B 379 15.80 -22.52 5.39
C GLY B 379 16.47 -23.88 5.52
N GLN B 380 17.60 -24.08 4.83
CA GLN B 380 18.32 -25.37 4.85
C GLN B 380 18.89 -25.58 6.25
N ARG B 381 19.32 -24.50 6.92
CA ARG B 381 19.91 -24.58 8.28
C ARG B 381 18.82 -24.53 9.35
N PHE B 382 17.74 -23.77 9.14
CA PHE B 382 16.70 -23.49 10.16
C PHE B 382 15.33 -23.69 9.51
N PRO B 383 14.95 -24.95 9.19
CA PRO B 383 13.75 -25.21 8.40
C PRO B 383 12.44 -24.79 9.08
N ASP B 384 12.41 -24.73 10.41
CA ASP B 384 11.20 -24.31 11.17
C ASP B 384 11.11 -22.78 11.24
N ARG B 385 12.14 -22.05 10.80
CA ARG B 385 12.20 -20.58 10.94
C ARG B 385 12.16 -19.84 9.60
N LEU B 386 11.83 -20.52 8.49
CA LEU B 386 11.60 -19.89 7.17
C LEU B 386 10.15 -20.11 6.79
N PHE B 387 9.41 -19.04 6.56
CA PHE B 387 8.02 -19.08 6.05
C PHE B 387 8.00 -18.50 4.65
N ASP B 388 7.49 -19.26 3.68
CA ASP B 388 7.18 -18.77 2.33
C ASP B 388 5.68 -18.62 2.28
N VAL B 389 5.16 -17.41 2.20
CA VAL B 389 3.69 -17.16 2.37
C VAL B 389 2.97 -17.11 1.02
N GLY B 390 3.63 -17.43 -0.09
CA GLY B 390 3.06 -17.27 -1.45
C GLY B 390 3.29 -15.85 -1.93
N ILE B 391 2.64 -15.42 -3.02
CA ILE B 391 2.85 -14.04 -3.55
C ILE B 391 1.90 -13.14 -2.78
N ALA B 392 2.27 -12.86 -1.54
CA ALA B 392 1.35 -12.33 -0.50
C ALA B 392 2.15 -11.40 0.40
N GLU B 393 2.67 -10.33 -0.16
CA GLU B 393 3.48 -9.31 0.56
C GLU B 393 2.68 -8.78 1.75
N GLN B 394 1.36 -8.60 1.59
CA GLN B 394 0.54 -8.01 2.68
C GLN B 394 0.53 -9.00 3.85
N HIS B 395 0.25 -10.27 3.57
CA HIS B 395 0.26 -11.32 4.62
C HIS B 395 1.66 -11.48 5.20
N ALA B 396 2.71 -11.37 4.37
CA ALA B 396 4.10 -11.49 4.88
C ALA B 396 4.29 -10.48 6.03
N MET B 397 3.85 -9.24 5.83
CA MET B 397 4.11 -8.16 6.80
C MET B 397 3.20 -8.31 8.04
N THR B 398 1.93 -8.63 7.87
CA THR B 398 1.01 -8.73 9.01
C THR B 398 1.25 -10.02 9.79
N SER B 399 1.58 -11.14 9.14
CA SER B 399 2.01 -12.36 9.88
C SER B 399 3.32 -12.04 10.60
N ALA B 400 4.18 -11.21 10.02
CA ALA B 400 5.40 -10.77 10.72
C ALA B 400 5.00 -10.04 12.01
N ALA B 401 3.99 -9.16 11.93
CA ALA B 401 3.45 -8.42 13.09
C ALA B 401 3.01 -9.44 14.15
N GLY B 402 2.28 -10.49 13.75
CA GLY B 402 1.83 -11.54 14.69
C GLY B 402 2.99 -12.28 15.33
N LEU B 403 3.98 -12.64 14.53
CA LEU B 403 5.19 -13.30 15.05
C LEU B 403 5.89 -12.41 16.08
N ALA B 404 6.01 -11.12 15.79
CA ALA B 404 6.62 -10.16 16.74
C ALA B 404 5.75 -10.03 18.01
N MET B 405 4.43 -10.08 17.90
CA MET B 405 3.54 -10.04 19.09
C MET B 405 3.76 -11.29 19.96
N GLY B 406 4.24 -12.38 19.37
CA GLY B 406 4.55 -13.64 20.08
C GLY B 406 5.99 -13.69 20.56
N GLY B 407 6.74 -12.59 20.41
CA GLY B 407 8.07 -12.39 21.02
C GLY B 407 9.20 -12.68 20.05
N LEU B 408 8.92 -12.90 18.76
CA LEU B 408 10.04 -13.17 17.80
C LEU B 408 10.47 -11.88 17.11
N HIS B 409 11.59 -11.94 16.39
CA HIS B 409 12.13 -10.82 15.58
C HIS B 409 12.17 -11.24 14.12
N PRO B 410 11.05 -11.06 13.41
CA PRO B 410 10.97 -11.47 12.02
C PRO B 410 11.87 -10.61 11.12
N VAL B 411 12.48 -11.27 10.14
CA VAL B 411 13.20 -10.65 9.01
C VAL B 411 12.40 -10.96 7.74
N VAL B 412 11.80 -9.92 7.16
CA VAL B 412 10.94 -10.03 5.95
C VAL B 412 11.77 -9.57 4.74
N ALA B 413 12.15 -10.48 3.86
CA ALA B 413 12.95 -10.23 2.64
C ALA B 413 12.00 -10.14 1.44
N ILE B 414 11.74 -8.92 0.98
CA ILE B 414 10.84 -8.61 -0.17
C ILE B 414 11.57 -7.57 -1.01
N TYR B 415 11.71 -7.81 -2.30
CA TYR B 415 12.33 -6.84 -3.24
C TYR B 415 11.64 -5.48 -3.06
N SER B 416 12.45 -4.41 -3.15
CA SER B 416 12.03 -3.01 -2.94
C SER B 416 10.67 -2.72 -3.59
N THR B 417 10.54 -2.94 -4.90
CA THR B 417 9.35 -2.54 -5.69
C THR B 417 8.10 -3.23 -5.12
N PHE B 418 8.22 -4.52 -4.77
CA PHE B 418 7.05 -5.33 -4.32
C PHE B 418 6.60 -4.90 -2.92
N LEU B 419 7.47 -4.28 -2.12
CA LEU B 419 7.13 -3.78 -0.76
C LEU B 419 6.06 -2.69 -0.85
N ASN B 420 5.86 -2.03 -2.00
CA ASN B 420 4.71 -1.11 -2.19
C ASN B 420 3.40 -1.77 -1.70
N ARG B 421 3.21 -3.04 -2.04
CA ARG B 421 1.97 -3.80 -1.71
C ARG B 421 1.71 -3.78 -0.20
N ALA B 422 2.76 -3.70 0.63
CA ALA B 422 2.72 -3.94 2.09
C ALA B 422 2.71 -2.61 2.85
N PHE B 423 2.55 -1.47 2.17
CA PHE B 423 2.61 -0.14 2.82
C PHE B 423 1.69 -0.07 4.06
N ASP B 424 0.42 -0.42 3.92
CA ASP B 424 -0.56 -0.24 5.04
C ASP B 424 -0.27 -1.25 6.18
N GLN B 425 0.30 -2.39 5.85
CA GLN B 425 0.66 -3.43 6.85
C GLN B 425 1.89 -2.95 7.62
N ILE B 426 2.85 -2.30 6.96
CA ILE B 426 4.02 -1.71 7.67
C ILE B 426 3.51 -0.65 8.64
N MET B 427 2.59 0.18 8.16
CA MET B 427 2.04 1.33 8.89
C MET B 427 1.23 0.83 10.09
N MET B 428 0.13 0.13 9.82
CA MET B 428 -0.91 -0.10 10.85
C MET B 428 -0.70 -1.40 11.60
N ASP B 429 0.04 -2.37 11.07
CA ASP B 429 0.19 -3.68 11.77
C ASP B 429 1.55 -3.71 12.48
N VAL B 430 2.64 -3.28 11.83
CA VAL B 430 3.98 -3.27 12.46
C VAL B 430 4.20 -1.97 13.28
N ALA B 431 4.19 -0.80 12.64
CA ALA B 431 4.67 0.46 13.25
C ALA B 431 3.72 0.88 14.37
N LEU B 432 2.41 0.78 14.16
CA LEU B 432 1.43 1.26 15.15
C LEU B 432 1.65 0.50 16.47
N HIS B 433 2.03 -0.77 16.40
CA HIS B 433 2.20 -1.65 17.59
C HIS B 433 3.64 -1.63 18.10
N LYS B 434 4.53 -0.84 17.48
CA LYS B 434 5.97 -0.68 17.85
C LYS B 434 6.68 -2.04 17.82
N LEU B 435 6.44 -2.83 16.79
CA LEU B 435 6.93 -4.22 16.76
C LEU B 435 8.26 -4.28 16.01
N PRO B 436 9.18 -5.13 16.49
CA PRO B 436 10.51 -5.30 15.90
C PRO B 436 10.51 -6.26 14.71
N VAL B 437 10.03 -5.78 13.57
CA VAL B 437 10.14 -6.49 12.26
C VAL B 437 11.22 -5.78 11.48
N THR B 438 12.20 -6.53 11.01
CA THR B 438 13.24 -6.06 10.08
C THR B 438 12.80 -6.41 8.65
N MET B 439 12.71 -5.41 7.78
CA MET B 439 12.44 -5.60 6.33
C MET B 439 13.77 -5.50 5.60
N VAL B 440 14.05 -6.44 4.74
CA VAL B 440 15.28 -6.45 3.89
C VAL B 440 14.84 -6.34 2.43
N LEU B 441 15.19 -5.23 1.81
CA LEU B 441 14.77 -4.85 0.44
C LEU B 441 15.95 -4.99 -0.51
N ASP B 442 16.03 -6.14 -1.19
CA ASP B 442 16.96 -6.40 -2.32
C ASP B 442 16.40 -5.69 -3.56
N ARG B 443 17.19 -5.60 -4.61
CA ARG B 443 16.80 -4.95 -5.89
C ARG B 443 16.36 -3.52 -5.58
N ALA B 444 17.05 -2.85 -4.63
CA ALA B 444 16.81 -1.42 -4.32
C ALA B 444 17.58 -0.58 -5.33
N GLY B 445 16.98 0.52 -5.75
CA GLY B 445 17.55 1.38 -6.79
C GLY B 445 17.24 0.83 -8.17
N ILE B 446 17.84 1.40 -9.19
CA ILE B 446 17.60 0.97 -10.59
C ILE B 446 18.05 -0.50 -10.74
N THR B 447 17.16 -1.34 -11.28
CA THR B 447 17.42 -2.73 -11.73
C THR B 447 17.58 -2.74 -13.27
N GLY B 448 16.88 -1.88 -13.98
CA GLY B 448 17.14 -1.62 -15.41
C GLY B 448 16.28 -2.46 -16.34
N SER B 449 16.68 -3.68 -16.65
CA SER B 449 16.18 -4.36 -17.89
C SER B 449 14.79 -4.98 -17.70
N ASP B 450 14.24 -5.03 -16.47
CA ASP B 450 12.84 -5.47 -16.20
C ASP B 450 11.91 -4.26 -16.22
N GLY B 451 12.46 -3.09 -16.48
CA GLY B 451 11.67 -1.89 -16.77
C GLY B 451 11.00 -1.27 -15.56
N ALA B 452 10.00 -0.44 -15.85
CA ALA B 452 9.45 0.59 -14.94
C ALA B 452 8.92 -0.02 -13.63
N SER B 453 8.28 -1.18 -13.68
CA SER B 453 7.59 -1.79 -12.53
C SER B 453 8.55 -2.64 -11.69
N HIS B 454 9.84 -2.67 -12.02
CA HIS B 454 10.85 -3.48 -11.31
C HIS B 454 11.81 -2.59 -10.53
N ASN B 455 12.11 -1.37 -11.03
CA ASN B 455 13.11 -0.47 -10.40
C ASN B 455 12.70 -0.24 -8.94
N GLY B 456 13.61 -0.51 -8.01
CA GLY B 456 13.34 -0.35 -6.56
C GLY B 456 13.54 1.10 -6.14
N MET B 457 12.75 2.02 -6.71
CA MET B 457 13.03 3.47 -6.58
C MET B 457 11.98 4.18 -5.71
N TRP B 458 11.15 3.46 -4.98
CA TRP B 458 10.05 4.06 -4.16
C TRP B 458 10.33 3.91 -2.64
N ASP B 459 11.22 3.03 -2.23
CA ASP B 459 11.20 2.52 -0.84
C ASP B 459 11.62 3.61 0.17
N LEU B 460 12.62 4.47 -0.15
CA LEU B 460 13.07 5.47 0.88
C LEU B 460 11.94 6.50 1.05
N SER B 461 11.17 6.73 -0.01
CA SER B 461 10.06 7.72 -0.01
C SER B 461 8.87 7.14 0.76
N MET B 462 8.53 5.89 0.51
CA MET B 462 7.39 5.20 1.18
C MET B 462 7.71 4.99 2.67
N LEU B 463 8.88 4.46 2.99
CA LEU B 463 9.26 4.10 4.39
C LEU B 463 9.39 5.35 5.24
N GLY B 464 9.79 6.48 4.63
CA GLY B 464 9.89 7.77 5.34
C GLY B 464 8.56 8.20 5.96
N ILE B 465 7.45 7.68 5.47
CA ILE B 465 6.08 8.08 5.93
C ILE B 465 5.80 7.37 7.26
N VAL B 466 6.53 6.30 7.55
CA VAL B 466 6.16 5.36 8.65
C VAL B 466 6.66 5.96 9.95
N PRO B 467 5.76 6.29 10.89
CA PRO B 467 6.19 6.79 12.20
C PRO B 467 7.20 5.84 12.88
N GLY B 468 8.31 6.42 13.35
CA GLY B 468 9.29 5.74 14.22
C GLY B 468 10.17 4.78 13.43
N ILE B 469 10.12 4.81 12.09
CA ILE B 469 10.90 3.81 11.30
C ILE B 469 12.40 4.17 11.36
N ARG B 470 13.23 3.16 11.25
CA ARG B 470 14.69 3.33 11.05
C ARG B 470 15.07 2.56 9.78
N VAL B 471 15.73 3.24 8.85
CA VAL B 471 16.08 2.67 7.53
C VAL B 471 17.58 2.83 7.30
N ALA B 472 18.24 1.72 6.98
CA ALA B 472 19.66 1.65 6.65
C ALA B 472 19.84 1.39 5.16
N ALA B 473 20.87 1.97 4.58
CA ALA B 473 21.29 1.75 3.19
C ALA B 473 22.76 1.37 3.20
N PRO B 474 23.07 0.07 3.22
CA PRO B 474 24.46 -0.38 3.19
C PRO B 474 25.26 0.13 1.99
N ARG B 475 26.48 0.61 2.24
CA ARG B 475 27.41 1.06 1.19
C ARG B 475 28.26 -0.11 0.70
N ASP B 476 28.34 -1.20 1.45
CA ASP B 476 29.26 -2.31 1.11
C ASP B 476 28.89 -3.51 1.97
N ALA B 477 29.63 -4.61 1.77
CA ALA B 477 29.33 -5.91 2.41
C ALA B 477 29.44 -5.78 3.93
N THR B 478 30.52 -5.20 4.45
CA THR B 478 30.73 -5.06 5.90
C THR B 478 29.59 -4.23 6.51
N ARG B 479 29.13 -3.18 5.83
CA ARG B 479 28.07 -2.29 6.38
C ARG B 479 26.73 -3.00 6.32
N LEU B 480 26.53 -3.88 5.34
CA LEU B 480 25.31 -4.71 5.28
C LEU B 480 25.30 -5.59 6.53
N ARG B 481 26.40 -6.29 6.81
CA ARG B 481 26.55 -7.12 8.03
CA ARG B 481 26.56 -7.13 8.03
C ARG B 481 26.31 -6.27 9.27
N GLU B 482 26.98 -5.13 9.36
CA GLU B 482 26.89 -4.28 10.59
C GLU B 482 25.45 -3.80 10.79
N GLU B 483 24.82 -3.27 9.73
CA GLU B 483 23.51 -2.58 9.85
C GLU B 483 22.42 -3.62 10.09
N LEU B 484 22.58 -4.83 9.56
CA LEU B 484 21.64 -5.92 9.84
C LEU B 484 21.71 -6.25 11.34
N GLY B 485 22.92 -6.35 11.90
CA GLY B 485 23.11 -6.58 13.35
C GLY B 485 22.45 -5.49 14.17
N GLU B 486 22.62 -4.24 13.76
CA GLU B 486 21.99 -3.07 14.40
C GLU B 486 20.48 -3.18 14.32
N ALA B 487 19.93 -3.55 13.16
CA ALA B 487 18.48 -3.69 12.96
C ALA B 487 17.96 -4.74 13.94
N LEU B 488 18.67 -5.88 14.03
CA LEU B 488 18.25 -7.05 14.85
C LEU B 488 18.27 -6.64 16.31
N ASP B 489 19.00 -5.59 16.67
CA ASP B 489 19.06 -5.11 18.08
C ASP B 489 17.94 -4.11 18.37
N VAL B 490 17.18 -3.66 17.38
CA VAL B 490 16.03 -2.74 17.62
C VAL B 490 14.81 -3.58 18.02
N ASP B 491 14.37 -3.47 19.27
CA ASP B 491 13.34 -4.37 19.84
C ASP B 491 11.99 -3.65 19.94
N ASP B 492 11.86 -2.40 19.48
CA ASP B 492 10.66 -1.57 19.81
C ASP B 492 10.15 -0.83 18.59
N GLY B 493 10.43 -1.33 17.39
CA GLY B 493 9.89 -0.71 16.17
C GLY B 493 10.52 -1.29 14.92
N PRO B 494 9.90 -0.99 13.76
CA PRO B 494 10.35 -1.50 12.46
C PRO B 494 11.72 -0.96 12.04
N THR B 495 12.52 -1.82 11.44
CA THR B 495 13.80 -1.48 10.80
C THR B 495 13.71 -1.93 9.35
N ALA B 496 14.47 -1.30 8.48
CA ALA B 496 14.61 -1.70 7.07
C ALA B 496 16.07 -1.53 6.64
N LEU B 497 16.51 -2.44 5.78
CA LEU B 497 17.80 -2.37 5.05
C LEU B 497 17.46 -2.43 3.56
N ARG B 498 18.06 -1.57 2.75
CA ARG B 498 17.85 -1.60 1.28
C ARG B 498 19.21 -1.64 0.59
N PHE B 499 19.34 -2.53 -0.39
CA PHE B 499 20.60 -2.67 -1.16
C PHE B 499 20.30 -3.11 -2.60
N PRO B 500 21.22 -2.86 -3.56
CA PRO B 500 20.96 -3.12 -4.98
C PRO B 500 21.13 -4.57 -5.42
N LYS B 501 20.59 -4.86 -6.59
CA LYS B 501 20.85 -6.09 -7.35
C LYS B 501 22.33 -6.09 -7.76
N GLY B 502 23.01 -7.21 -7.65
CA GLY B 502 24.27 -7.42 -8.36
C GLY B 502 25.43 -7.72 -7.43
N ASP B 503 26.63 -7.58 -7.96
CA ASP B 503 27.85 -7.94 -7.20
C ASP B 503 28.20 -6.73 -6.34
N VAL B 504 28.76 -6.98 -5.17
CA VAL B 504 29.27 -5.89 -4.31
C VAL B 504 30.80 -5.87 -4.46
N GLY B 505 31.37 -4.68 -4.51
CA GLY B 505 32.81 -4.48 -4.64
C GLY B 505 33.52 -4.57 -3.30
N GLU B 506 34.75 -4.06 -3.27
CA GLU B 506 35.60 -4.04 -2.06
C GLU B 506 34.98 -3.12 -1.01
N ASP B 507 35.18 -3.39 0.28
CA ASP B 507 34.73 -2.49 1.37
C ASP B 507 35.27 -1.08 1.12
N ILE B 508 34.48 -0.07 1.47
CA ILE B 508 34.84 1.36 1.44
C ILE B 508 35.11 1.78 2.89
N SER B 509 36.37 2.03 3.19
CA SER B 509 36.82 2.30 4.56
C SER B 509 36.42 3.73 4.93
N ALA B 510 36.12 3.96 6.20
CA ALA B 510 35.78 5.29 6.75
C ALA B 510 37.01 5.89 7.45
N LEU B 511 37.13 7.22 7.47
CA LEU B 511 38.20 7.97 8.19
C LEU B 511 37.80 8.14 9.65
N GLU B 512 36.49 8.25 9.93
CA GLU B 512 35.95 8.34 11.30
C GLU B 512 34.44 8.14 11.24
N ARG B 513 33.85 7.79 12.37
CA ARG B 513 32.39 7.76 12.61
C ARG B 513 32.07 8.91 13.54
N ARG B 514 31.12 9.75 13.16
CA ARG B 514 30.73 11.00 13.85
C ARG B 514 29.20 10.97 13.96
N GLY B 515 28.65 10.84 15.17
CA GLY B 515 27.20 10.78 15.42
C GLY B 515 26.48 9.79 14.50
N GLY B 516 27.02 8.57 14.40
CA GLY B 516 26.47 7.43 13.64
C GLY B 516 26.90 7.41 12.17
N VAL B 517 27.52 8.50 11.71
CA VAL B 517 27.79 8.81 10.29
C VAL B 517 29.25 8.45 9.99
N ASP B 518 29.52 7.78 8.85
CA ASP B 518 30.87 7.42 8.39
C ASP B 518 31.39 8.50 7.44
N VAL B 519 32.49 9.15 7.81
CA VAL B 519 33.22 10.07 6.89
C VAL B 519 34.08 9.22 5.96
N LEU B 520 33.78 9.24 4.66
CA LEU B 520 34.49 8.45 3.63
C LEU B 520 35.61 9.28 2.99
N ALA B 521 35.46 10.60 2.99
CA ALA B 521 36.48 11.52 2.43
C ALA B 521 36.33 12.88 3.11
N ALA B 522 37.43 13.60 3.26
CA ALA B 522 37.46 14.94 3.89
C ALA B 522 38.29 15.86 3.03
N PRO B 523 38.03 17.18 3.08
CA PRO B 523 38.73 18.11 2.20
C PRO B 523 40.23 18.03 2.49
N ALA B 524 41.06 18.08 1.46
CA ALA B 524 42.53 18.07 1.58
C ALA B 524 42.92 19.30 2.41
N ASP B 525 43.98 19.21 3.20
CA ASP B 525 44.52 20.36 3.99
C ASP B 525 44.73 21.54 3.03
N GLY B 526 44.18 22.70 3.32
CA GLY B 526 44.28 23.84 2.40
C GLY B 526 42.99 24.09 1.63
N LEU B 527 42.09 23.11 1.47
CA LEU B 527 40.78 23.35 0.82
C LEU B 527 39.75 23.74 1.89
N ASN B 528 38.67 24.42 1.51
CA ASN B 528 37.57 24.76 2.45
C ASN B 528 36.57 23.60 2.50
N HIS B 529 35.67 23.62 3.48
CA HIS B 529 34.54 22.68 3.64
C HIS B 529 33.38 23.19 2.77
N ASP B 530 33.55 23.07 1.45
CA ASP B 530 32.61 23.61 0.43
C ASP B 530 31.33 22.77 0.38
N VAL B 531 31.47 21.45 0.29
CA VAL B 531 30.33 20.54 -0.05
C VAL B 531 30.33 19.36 0.92
N LEU B 532 29.17 19.12 1.54
CA LEU B 532 28.87 17.86 2.26
C LEU B 532 28.09 17.00 1.27
N LEU B 533 28.72 15.93 0.80
CA LEU B 533 28.11 15.03 -0.19
C LEU B 533 27.61 13.81 0.59
N VAL B 534 26.29 13.78 0.81
CA VAL B 534 25.62 12.69 1.57
C VAL B 534 25.32 11.57 0.56
N ALA B 535 26.18 10.55 0.57
CA ALA B 535 26.14 9.39 -0.36
C ALA B 535 25.27 8.30 0.26
N ILE B 536 24.15 7.99 -0.39
CA ILE B 536 23.21 6.96 0.12
C ILE B 536 23.60 5.64 -0.55
N GLY B 537 23.86 4.64 0.30
CA GLY B 537 24.05 3.23 -0.03
C GLY B 537 24.95 3.04 -1.22
N ALA B 538 24.37 2.58 -2.33
CA ALA B 538 25.08 2.07 -3.52
C ALA B 538 25.84 3.19 -4.22
N PHE B 539 25.57 4.46 -3.92
CA PHE B 539 26.20 5.61 -4.64
C PHE B 539 27.47 6.11 -3.93
N ALA B 540 27.96 5.42 -2.89
CA ALA B 540 29.22 5.78 -2.20
C ALA B 540 30.38 5.79 -3.20
N PRO B 541 30.61 4.75 -4.03
CA PRO B 541 31.73 4.79 -4.99
C PRO B 541 31.63 6.01 -5.92
N MET B 542 30.43 6.30 -6.40
CA MET B 542 30.20 7.46 -7.31
C MET B 542 30.52 8.74 -6.54
N ALA B 543 30.14 8.85 -5.28
CA ALA B 543 30.38 10.06 -4.45
C ALA B 543 31.89 10.25 -4.28
N LEU B 544 32.62 9.16 -4.07
CA LEU B 544 34.10 9.21 -3.90
C LEU B 544 34.77 9.64 -5.21
N ALA B 545 34.31 9.13 -6.37
CA ALA B 545 34.74 9.58 -7.72
C ALA B 545 34.42 11.08 -7.91
N VAL B 546 33.22 11.54 -7.57
CA VAL B 546 32.85 12.99 -7.61
C VAL B 546 33.83 13.80 -6.74
N ALA B 547 34.11 13.35 -5.51
CA ALA B 547 35.01 14.04 -4.57
C ALA B 547 36.40 14.21 -5.18
N LYS B 548 36.92 13.19 -5.88
CA LYS B 548 38.29 13.25 -6.51
C LYS B 548 38.29 14.28 -7.63
N ARG B 549 37.22 14.35 -8.44
CA ARG B 549 37.12 15.36 -9.54
C ARG B 549 37.04 16.76 -8.95
N LEU B 550 36.27 16.93 -7.88
CA LEU B 550 36.07 18.28 -7.27
C LEU B 550 37.37 18.72 -6.58
N HIS B 551 38.08 17.80 -5.93
CA HIS B 551 39.43 18.05 -5.36
C HIS B 551 40.32 18.69 -6.44
N ASN B 552 40.32 18.14 -7.65
CA ASN B 552 41.20 18.61 -8.75
C ASN B 552 40.80 20.01 -9.18
N GLN B 553 39.61 20.49 -8.83
CA GLN B 553 39.18 21.87 -9.17
C GLN B 553 39.37 22.79 -7.97
N GLY B 554 39.95 22.29 -6.87
CA GLY B 554 40.15 23.07 -5.63
C GLY B 554 38.87 23.19 -4.80
N ILE B 555 37.92 22.28 -4.98
CA ILE B 555 36.64 22.27 -4.22
C ILE B 555 36.75 21.16 -3.16
N GLY B 556 36.58 21.56 -1.91
CA GLY B 556 36.70 20.66 -0.75
C GLY B 556 35.41 19.94 -0.47
N VAL B 557 35.46 18.62 -0.44
CA VAL B 557 34.27 17.74 -0.26
C VAL B 557 34.49 16.80 0.91
N THR B 558 33.53 16.81 1.82
CA THR B 558 33.34 15.74 2.82
C THR B 558 32.31 14.79 2.23
N VAL B 559 32.68 13.53 2.04
CA VAL B 559 31.69 12.48 1.65
C VAL B 559 31.30 11.75 2.93
N ILE B 560 29.99 11.67 3.20
CA ILE B 560 29.52 10.81 4.31
C ILE B 560 28.56 9.75 3.77
N ASP B 561 28.64 8.59 4.40
CA ASP B 561 27.63 7.51 4.38
C ASP B 561 26.90 7.62 5.70
N PRO B 562 25.64 8.13 5.74
CA PRO B 562 24.93 8.24 7.02
C PRO B 562 24.60 6.88 7.64
N ARG B 563 24.67 5.80 6.85
CA ARG B 563 24.41 4.39 7.24
C ARG B 563 22.91 4.24 7.53
N TRP B 564 22.43 4.82 8.62
CA TRP B 564 20.97 4.95 8.97
C TRP B 564 20.47 6.25 8.35
N VAL B 565 19.80 6.15 7.21
CA VAL B 565 19.32 7.30 6.39
C VAL B 565 18.13 7.94 7.09
N LEU B 566 17.23 7.13 7.65
CA LEU B 566 16.08 7.62 8.44
C LEU B 566 16.12 6.97 9.82
N PRO B 567 15.82 7.71 10.92
CA PRO B 567 15.62 9.16 10.87
C PRO B 567 16.96 9.84 10.55
N VAL B 568 16.95 11.10 10.12
CA VAL B 568 18.22 11.81 9.77
C VAL B 568 19.01 11.99 11.08
N SER B 569 20.29 11.60 11.10
CA SER B 569 21.08 11.54 12.35
C SER B 569 21.66 12.92 12.70
N ASP B 570 22.02 13.08 13.97
CA ASP B 570 22.70 14.29 14.52
C ASP B 570 24.02 14.50 13.80
N GLY B 571 24.70 13.44 13.35
CA GLY B 571 25.95 13.52 12.59
C GLY B 571 25.78 14.31 11.31
N VAL B 572 24.63 14.12 10.63
CA VAL B 572 24.32 14.88 9.40
C VAL B 572 24.14 16.37 9.75
N ARG B 573 23.37 16.65 10.80
CA ARG B 573 23.09 18.04 11.23
C ARG B 573 24.39 18.73 11.65
N GLU B 574 25.23 18.03 12.43
CA GLU B 574 26.52 18.60 12.91
C GLU B 574 27.42 18.96 11.72
N LEU B 575 27.54 18.08 10.72
CA LEU B 575 28.46 18.32 9.58
C LEU B 575 27.86 19.36 8.64
N ALA B 576 26.53 19.40 8.50
CA ALA B 576 25.87 20.31 7.55
C ALA B 576 26.27 21.75 7.87
N VAL B 577 26.27 22.12 9.14
CA VAL B 577 26.52 23.53 9.54
C VAL B 577 27.99 23.90 9.27
N GLN B 578 28.86 22.93 8.97
CA GLN B 578 30.31 23.18 8.72
C GLN B 578 30.60 23.29 7.22
N HIS B 579 29.58 23.18 6.35
CA HIS B 579 29.74 23.21 4.87
C HIS B 579 28.90 24.33 4.26
N LYS B 580 29.22 24.75 3.05
CA LYS B 580 28.47 25.82 2.34
C LYS B 580 27.28 25.22 1.59
N LEU B 581 27.36 23.94 1.24
CA LEU B 581 26.37 23.28 0.35
C LEU B 581 26.24 21.83 0.80
N LEU B 582 25.00 21.35 0.89
CA LEU B 582 24.75 19.91 1.14
C LEU B 582 24.14 19.33 -0.13
N VAL B 583 24.74 18.25 -0.63
CA VAL B 583 24.18 17.50 -1.79
C VAL B 583 23.94 16.06 -1.34
N THR B 584 22.71 15.59 -1.48
CA THR B 584 22.39 14.18 -1.20
C THR B 584 22.38 13.45 -2.54
N LEU B 585 22.92 12.26 -2.58
CA LEU B 585 23.01 11.45 -3.83
C LEU B 585 22.40 10.08 -3.53
N GLU B 586 21.28 9.73 -4.16
CA GLU B 586 20.46 8.57 -3.73
C GLU B 586 19.94 7.82 -4.95
N ASP B 587 19.97 6.49 -4.85
CA ASP B 587 19.45 5.55 -5.87
C ASP B 587 17.98 5.30 -5.53
N ASN B 588 17.18 6.37 -5.62
CA ASN B 588 15.76 6.40 -5.22
C ASN B 588 15.11 7.61 -5.88
N GLY B 589 13.81 7.54 -6.12
CA GLY B 589 12.98 8.70 -6.52
C GLY B 589 13.23 9.87 -5.59
N VAL B 590 13.46 11.05 -6.13
CA VAL B 590 13.75 12.25 -5.30
C VAL B 590 12.51 12.74 -4.56
N ASN B 591 11.29 12.45 -5.03
CA ASN B 591 10.09 13.01 -4.34
C ASN B 591 9.92 12.27 -3.02
N GLY B 592 10.05 12.97 -1.90
CA GLY B 592 10.01 12.37 -0.56
C GLY B 592 11.19 11.45 -0.32
N GLY B 593 12.24 11.52 -1.14
CA GLY B 593 13.45 10.67 -1.01
C GLY B 593 14.37 11.14 0.12
N ALA B 594 15.58 10.58 0.15
CA ALA B 594 16.54 10.81 1.25
C ALA B 594 16.99 12.27 1.26
N GLY B 595 17.23 12.87 0.10
CA GLY B 595 17.65 14.28 0.01
C GLY B 595 16.58 15.19 0.61
N SER B 596 15.29 14.95 0.31
CA SER B 596 14.19 15.81 0.82
CA SER B 596 14.17 15.77 0.82
C SER B 596 14.08 15.61 2.33
N ALA B 597 14.35 14.40 2.82
CA ALA B 597 14.30 14.06 4.26
C ALA B 597 15.43 14.81 4.99
N VAL B 598 16.62 14.85 4.39
CA VAL B 598 17.79 15.56 4.98
C VAL B 598 17.45 17.05 5.05
N SER B 599 16.99 17.63 3.96
CA SER B 599 16.53 19.04 3.90
C SER B 599 15.52 19.29 5.01
N ALA B 600 14.50 18.44 5.12
CA ALA B 600 13.40 18.61 6.09
C ALA B 600 13.98 18.59 7.51
N ALA B 601 14.91 17.67 7.80
CA ALA B 601 15.52 17.52 9.15
C ALA B 601 16.34 18.76 9.50
N LEU B 602 17.13 19.25 8.55
CA LEU B 602 17.94 20.48 8.77
C LEU B 602 16.99 21.68 9.02
N ARG B 603 15.99 21.89 8.17
CA ARG B 603 15.08 23.04 8.32
C ARG B 603 14.37 22.98 9.67
N ARG B 604 13.94 21.78 10.09
CA ARG B 604 13.38 21.53 11.44
C ARG B 604 14.36 21.93 12.54
N ALA B 605 15.66 21.73 12.33
CA ALA B 605 16.72 22.09 13.31
C ALA B 605 17.17 23.54 13.06
N GLU B 606 16.42 24.32 12.27
CA GLU B 606 16.72 25.74 11.95
C GLU B 606 18.06 25.86 11.22
N ILE B 607 18.44 24.88 10.41
CA ILE B 607 19.68 24.91 9.59
C ILE B 607 19.26 25.15 8.13
N ASP B 608 19.65 26.28 7.55
CA ASP B 608 19.19 26.66 6.20
C ASP B 608 20.33 26.62 5.18
N VAL B 609 21.38 25.85 5.46
CA VAL B 609 22.42 25.51 4.45
C VAL B 609 21.70 25.02 3.21
N PRO B 610 22.05 25.54 2.02
CA PRO B 610 21.40 25.09 0.79
C PRO B 610 21.63 23.58 0.61
N CYS B 611 20.54 22.87 0.28
CA CYS B 611 20.49 21.41 0.05
C CYS B 611 20.04 21.16 -1.39
N ARG B 612 20.64 20.18 -2.04
CA ARG B 612 20.22 19.72 -3.38
C ARG B 612 20.00 18.21 -3.32
N ASP B 613 18.96 17.75 -3.99
CA ASP B 613 18.52 16.34 -3.96
C ASP B 613 18.87 15.77 -5.34
N VAL B 614 19.99 15.07 -5.42
CA VAL B 614 20.44 14.38 -6.67
C VAL B 614 20.03 12.92 -6.56
N GLY B 615 19.19 12.47 -7.47
CA GLY B 615 18.74 11.07 -7.49
C GLY B 615 17.92 10.84 -8.74
N LEU B 616 17.01 9.90 -8.65
CA LEU B 616 16.16 9.49 -9.80
C LEU B 616 15.02 10.50 -9.88
N PRO B 617 14.82 11.18 -11.02
CA PRO B 617 13.57 11.91 -11.21
C PRO B 617 12.37 10.99 -10.98
N GLN B 618 11.25 11.58 -10.55
CA GLN B 618 10.02 10.83 -10.15
C GLN B 618 9.27 10.44 -11.42
N GLU B 619 9.80 9.43 -12.11
CA GLU B 619 9.33 8.99 -13.44
C GLU B 619 9.44 7.48 -13.49
N PHE B 620 8.62 6.86 -14.34
CA PHE B 620 8.75 5.44 -14.73
C PHE B 620 9.81 5.35 -15.83
N TYR B 621 10.77 4.44 -15.69
CA TYR B 621 11.85 4.27 -16.70
C TYR B 621 11.55 3.05 -17.56
N GLU B 622 11.74 3.22 -18.87
CA GLU B 622 11.73 2.09 -19.83
C GLU B 622 12.92 1.19 -19.52
N HIS B 623 12.84 -0.05 -19.95
CA HIS B 623 13.90 -1.07 -19.81
C HIS B 623 15.18 -0.60 -20.51
N ALA B 624 16.31 -0.90 -19.88
CA ALA B 624 17.69 -0.63 -20.33
C ALA B 624 18.60 -1.21 -19.25
N SER B 625 19.92 -1.34 -19.47
CA SER B 625 20.81 -1.76 -18.36
C SER B 625 20.76 -0.68 -17.26
N ARG B 626 21.06 -1.05 -16.01
CA ARG B 626 21.22 -0.07 -14.92
C ARG B 626 22.18 1.05 -15.35
N SER B 627 23.34 0.71 -15.92
CA SER B 627 24.34 1.71 -16.38
C SER B 627 23.71 2.68 -17.38
N GLU B 628 22.98 2.17 -18.37
CA GLU B 628 22.37 3.05 -19.39
C GLU B 628 21.37 3.98 -18.70
N VAL B 629 20.55 3.47 -17.79
CA VAL B 629 19.50 4.34 -17.16
C VAL B 629 20.20 5.47 -16.41
N LEU B 630 21.22 5.11 -15.62
CA LEU B 630 21.97 6.10 -14.80
C LEU B 630 22.67 7.13 -15.70
N ALA B 631 23.30 6.67 -16.78
CA ALA B 631 24.02 7.57 -17.74
C ALA B 631 23.00 8.51 -18.41
N ASP B 632 21.83 8.02 -18.79
CA ASP B 632 20.79 8.87 -19.44
C ASP B 632 20.27 9.94 -18.49
N LEU B 633 20.31 9.70 -17.17
CA LEU B 633 19.80 10.68 -16.17
C LEU B 633 20.92 11.59 -15.68
N GLY B 634 22.17 11.34 -16.11
CA GLY B 634 23.35 12.09 -15.66
C GLY B 634 23.81 11.65 -14.29
N LEU B 635 23.44 10.44 -13.86
CA LEU B 635 23.88 9.90 -12.55
C LEU B 635 25.20 9.18 -12.81
N THR B 636 26.24 9.97 -13.12
CA THR B 636 27.63 9.50 -13.36
C THR B 636 28.52 10.46 -12.58
N ASP B 637 29.72 10.02 -12.22
CA ASP B 637 30.63 10.91 -11.44
C ASP B 637 30.97 12.16 -12.26
N GLN B 638 31.20 12.05 -13.58
CA GLN B 638 31.45 13.23 -14.47
C GLN B 638 30.29 14.22 -14.39
N ASP B 639 29.05 13.75 -14.61
CA ASP B 639 27.85 14.64 -14.70
C ASP B 639 27.56 15.24 -13.32
N VAL B 640 27.59 14.45 -12.25
CA VAL B 640 27.31 14.96 -10.88
C VAL B 640 28.36 16.02 -10.49
N ALA B 641 29.63 15.75 -10.75
CA ALA B 641 30.73 16.69 -10.41
C ALA B 641 30.50 18.01 -11.16
N ARG B 642 30.13 17.96 -12.43
CA ARG B 642 29.87 19.18 -13.25
C ARG B 642 28.69 19.95 -12.63
N ARG B 643 27.63 19.25 -12.21
CA ARG B 643 26.45 19.91 -11.58
C ARG B 643 26.86 20.59 -10.28
N ILE B 644 27.66 19.92 -9.47
CA ILE B 644 28.04 20.45 -8.12
C ILE B 644 28.98 21.66 -8.32
N THR B 645 29.80 21.62 -9.37
CA THR B 645 30.71 22.73 -9.74
C THR B 645 29.86 23.97 -10.01
N GLY B 646 28.78 23.84 -10.79
CA GLY B 646 27.79 24.91 -11.02
C GLY B 646 27.26 25.49 -9.72
N TRP B 647 26.85 24.65 -8.78
CA TRP B 647 26.23 25.11 -7.52
C TRP B 647 27.28 25.86 -6.68
N VAL B 648 28.49 25.30 -6.61
CA VAL B 648 29.59 25.88 -5.80
C VAL B 648 29.91 27.28 -6.37
N ALA B 649 29.91 27.46 -7.69
CA ALA B 649 30.16 28.77 -8.31
C ALA B 649 29.06 29.79 -7.91
N ALA B 650 27.81 29.36 -7.67
CA ALA B 650 26.66 30.25 -7.44
C ALA B 650 26.71 30.89 -6.05
#